data_5I7A
#
_entry.id   5I7A
#
_cell.length_a   64.479
_cell.length_b   76.044
_cell.length_c   81.627
_cell.angle_alpha   94.66
_cell.angle_beta   108.75
_cell.angle_gamma   107.29
#
_symmetry.space_group_name_H-M   'P 1'
#
loop_
_entity.id
_entity.type
_entity.pdbx_description
1 polymer 'O-phosphoserine sulfhydrylase'
2 non-polymer '3-{[(3,4-dichlorophenyl)carbamoyl]amino}benzoic acid'
3 non-polymer "PYRIDOXAL-5'-PHOSPHATE"
4 water water
#
_entity_poly.entity_id   1
_entity_poly.type   'polypeptide(L)'
_entity_poly.pdbx_seq_one_letter_code
;GSHMARYDSLLQALGNTPLVGLQRLSPRWDDGRDGPHVRLWAKLEDRNPTGSIKDRPAVRMIEQAEADGLLRPGATILEP
TSGNTGISLAMAARLKGYRLICVMPENTSVERRQLLELYGAQIIFSAAEGGSNTAVATAKELAATNPSWVMLYQYGNPAN
TDSHYCGTGPELLADLPEITHFVAGLGTTGTLMGTGRFLREHVANVKIVAAEPRYGEGVYALRNMDEGFVPELYDPEILT
ARYSVGAVDAVRRTRELVHTEGIFAGISTGAVLHAALGVGAGALAAGERADIALVVADAGWKYLSTGAYAGSLDDAETAL
EGQLWA
;
_entity_poly.pdbx_strand_id   A,B,C,D
#
# COMPACT_ATOMS: atom_id res chain seq x y z
N ARG A 6 -13.49 13.43 -8.57
CA ARG A 6 -13.44 13.79 -10.02
C ARG A 6 -12.05 13.53 -10.63
N TYR A 7 -12.05 13.41 -11.95
CA TYR A 7 -10.90 13.06 -12.72
C TYR A 7 -10.78 14.03 -13.87
N ASP A 8 -9.57 14.14 -14.37
CA ASP A 8 -9.20 15.05 -15.44
C ASP A 8 -9.24 14.43 -16.80
N SER A 9 -9.20 13.11 -16.85
CA SER A 9 -9.12 12.35 -18.08
C SER A 9 -9.64 10.94 -17.83
N LEU A 10 -10.11 10.27 -18.87
CA LEU A 10 -10.60 8.90 -18.69
C LEU A 10 -9.50 8.00 -18.10
N LEU A 11 -8.24 8.29 -18.44
CA LEU A 11 -7.09 7.49 -18.00
C LEU A 11 -6.97 7.42 -16.49
N GLN A 12 -7.54 8.41 -15.81
CA GLN A 12 -7.47 8.43 -14.36
C GLN A 12 -8.62 7.70 -13.73
N ALA A 13 -9.67 7.39 -14.47
CA ALA A 13 -10.79 6.70 -13.89
C ALA A 13 -10.57 5.19 -14.06
N LEU A 14 -9.49 4.72 -13.45
CA LEU A 14 -8.96 3.38 -13.69
C LEU A 14 -8.68 2.76 -12.33
N GLY A 15 -8.88 1.46 -12.21
CA GLY A 15 -8.64 0.75 -10.94
C GLY A 15 -9.63 1.19 -9.88
N ASN A 16 -9.24 1.04 -8.62
CA ASN A 16 -10.17 1.08 -7.49
C ASN A 16 -11.49 0.40 -7.84
N THR A 17 -11.38 -0.81 -8.39
CA THR A 17 -12.54 -1.56 -8.80
C THR A 17 -13.19 -2.21 -7.58
N PRO A 18 -14.51 -2.44 -7.64
CA PRO A 18 -15.25 -3.04 -6.54
C PRO A 18 -14.99 -4.53 -6.31
N LEU A 19 -15.22 -4.95 -5.07
CA LEU A 19 -15.09 -6.33 -4.70
C LEU A 19 -16.46 -6.75 -4.21
N VAL A 20 -17.01 -7.78 -4.86
CA VAL A 20 -18.39 -8.17 -4.63
C VAL A 20 -18.45 -9.60 -4.11
N GLY A 21 -19.07 -9.78 -2.95
CA GLY A 21 -19.28 -11.12 -2.38
C GLY A 21 -20.25 -11.94 -3.20
N LEU A 22 -19.90 -13.20 -3.46
CA LEU A 22 -20.77 -14.07 -4.23
C LEU A 22 -21.51 -14.99 -3.28
N GLN A 23 -22.56 -14.47 -2.67
CA GLN A 23 -23.28 -15.17 -1.63
C GLN A 23 -23.93 -16.47 -2.11
N ARG A 24 -24.36 -16.50 -3.36
CA ARG A 24 -25.08 -17.66 -3.93
C ARG A 24 -24.15 -18.73 -4.44
N LEU A 25 -23.05 -18.33 -5.06
CA LEU A 25 -22.13 -19.26 -5.66
C LEU A 25 -21.11 -19.77 -4.65
N SER A 26 -20.91 -19.05 -3.55
CA SER A 26 -19.93 -19.45 -2.54
C SER A 26 -20.30 -20.83 -1.97
N PRO A 27 -19.30 -21.69 -1.73
CA PRO A 27 -19.60 -22.97 -1.07
C PRO A 27 -20.34 -22.82 0.28
N ARG A 28 -19.92 -21.89 1.13
CA ARG A 28 -20.69 -21.56 2.32
C ARG A 28 -20.47 -20.10 2.76
N TRP A 29 -21.46 -19.24 2.47
CA TRP A 29 -21.35 -17.83 2.82
C TRP A 29 -21.24 -17.55 4.32
N ASP A 30 -22.04 -18.25 5.12
CA ASP A 30 -22.11 -17.95 6.57
C ASP A 30 -21.48 -19.03 7.44
N ASP A 31 -20.83 -18.62 8.51
CA ASP A 31 -20.37 -19.57 9.51
C ASP A 31 -21.61 -20.22 10.15
N GLY A 32 -21.55 -21.54 10.31
CA GLY A 32 -22.62 -22.31 10.94
C GLY A 32 -22.05 -23.53 11.64
N ARG A 33 -22.93 -24.42 12.10
CA ARG A 33 -22.51 -25.59 12.87
C ARG A 33 -21.76 -26.65 12.03
N ASP A 34 -21.92 -26.62 10.71
CA ASP A 34 -21.20 -27.54 9.81
C ASP A 34 -19.76 -27.13 9.57
N GLY A 35 -19.39 -25.92 9.99
CA GLY A 35 -18.04 -25.42 9.82
C GLY A 35 -17.96 -23.97 9.40
N PRO A 36 -16.74 -23.47 9.22
CA PRO A 36 -16.52 -22.07 8.89
C PRO A 36 -16.88 -21.71 7.44
N HIS A 37 -17.05 -20.43 7.19
CA HIS A 37 -17.47 -19.99 5.88
C HIS A 37 -16.38 -20.25 4.82
N VAL A 38 -16.81 -20.45 3.59
CA VAL A 38 -15.93 -20.52 2.46
C VAL A 38 -16.53 -19.56 1.44
N ARG A 39 -15.95 -18.36 1.36
CA ARG A 39 -16.51 -17.26 0.58
C ARG A 39 -15.73 -17.01 -0.70
N LEU A 40 -16.45 -16.69 -1.78
CA LEU A 40 -15.89 -16.23 -3.05
C LEU A 40 -16.19 -14.72 -3.19
N TRP A 41 -15.17 -13.94 -3.57
CA TRP A 41 -15.24 -12.49 -3.72
C TRP A 41 -14.71 -12.13 -5.11
N ALA A 42 -15.50 -11.38 -5.88
CA ALA A 42 -15.17 -11.11 -7.27
C ALA A 42 -14.71 -9.68 -7.47
N LYS A 43 -13.51 -9.51 -8.03
CA LYS A 43 -13.00 -8.17 -8.27
C LYS A 43 -13.30 -7.80 -9.72
N LEU A 44 -14.09 -6.74 -9.90
CA LEU A 44 -14.70 -6.45 -11.19
C LEU A 44 -13.84 -5.52 -12.04
N GLU A 45 -12.91 -6.12 -12.78
CA GLU A 45 -11.95 -5.32 -13.53
C GLU A 45 -12.50 -4.85 -14.87
N ASP A 46 -13.75 -5.16 -15.16
CA ASP A 46 -14.43 -4.51 -16.28
C ASP A 46 -14.82 -3.08 -15.96
N ARG A 47 -14.74 -2.67 -14.68
CA ARG A 47 -15.03 -1.30 -14.28
C ARG A 47 -13.78 -0.44 -14.46
N ASN A 48 -13.45 -0.22 -15.72
CA ASN A 48 -12.17 0.35 -16.14
C ASN A 48 -12.38 1.00 -17.50
N PRO A 49 -11.52 1.93 -17.89
CA PRO A 49 -11.68 2.72 -19.13
C PRO A 49 -12.23 1.98 -20.37
N THR A 50 -11.65 0.85 -20.75
CA THR A 50 -12.10 0.14 -21.94
C THR A 50 -12.74 -1.19 -21.63
N GLY A 51 -13.03 -1.42 -20.35
CA GLY A 51 -13.75 -2.61 -19.96
C GLY A 51 -12.94 -3.85 -19.65
N SER A 52 -11.64 -3.72 -19.42
CA SER A 52 -10.85 -4.86 -18.95
C SER A 52 -9.69 -4.49 -18.08
N ILE A 53 -9.13 -5.52 -17.47
CA ILE A 53 -8.00 -5.41 -16.56
C ILE A 53 -6.78 -4.88 -17.28
N LYS A 54 -6.72 -5.04 -18.60
CA LYS A 54 -5.54 -4.57 -19.34
C LYS A 54 -5.34 -3.06 -19.29
N ASP A 55 -6.35 -2.29 -18.91
CA ASP A 55 -6.16 -0.85 -18.74
C ASP A 55 -5.04 -0.57 -17.73
N ARG A 56 -4.97 -1.34 -16.66
CA ARG A 56 -3.86 -1.16 -15.70
C ARG A 56 -2.45 -1.26 -16.30
N PRO A 57 -2.05 -2.44 -16.80
CA PRO A 57 -0.71 -2.50 -17.42
C PRO A 57 -0.51 -1.59 -18.64
N ALA A 58 -1.54 -1.41 -19.45
CA ALA A 58 -1.38 -0.57 -20.66
C ALA A 58 -0.99 0.85 -20.31
N VAL A 59 -1.76 1.45 -19.41
CA VAL A 59 -1.53 2.83 -19.03
C VAL A 59 -0.18 2.94 -18.32
N ARG A 60 0.14 1.98 -17.46
CA ARG A 60 1.41 2.07 -16.75
C ARG A 60 2.58 1.85 -17.69
N MET A 61 2.44 0.98 -18.68
CA MET A 61 3.54 0.77 -19.64
C MET A 61 3.83 2.04 -20.42
N ILE A 62 2.76 2.70 -20.87
CA ILE A 62 2.89 3.93 -21.63
C ILE A 62 3.51 5.01 -20.79
N GLU A 63 3.00 5.20 -19.58
CA GLU A 63 3.49 6.25 -18.74
C GLU A 63 4.92 5.99 -18.29
N GLN A 64 5.29 4.73 -18.10
CA GLN A 64 6.69 4.40 -17.80
C GLN A 64 7.63 4.64 -18.99
N ALA A 65 7.19 4.29 -20.21
CA ALA A 65 7.95 4.61 -21.43
C ALA A 65 8.13 6.12 -21.67
N GLU A 66 7.10 6.90 -21.34
CA GLU A 66 7.19 8.37 -21.41
C GLU A 66 8.22 8.91 -20.43
N ALA A 67 8.12 8.53 -19.16
CA ALA A 67 9.06 9.00 -18.15
C ALA A 67 10.50 8.53 -18.43
N ASP A 68 10.68 7.28 -18.86
CA ASP A 68 11.99 6.78 -19.28
C ASP A 68 12.53 7.46 -20.54
N GLY A 69 11.73 8.31 -21.19
CA GLY A 69 12.16 8.96 -22.43
C GLY A 69 12.13 8.08 -23.67
N LEU A 70 11.61 6.86 -23.53
CA LEU A 70 11.56 5.92 -24.67
C LEU A 70 10.48 6.27 -25.69
N LEU A 71 9.57 7.20 -25.34
CA LEU A 71 8.36 7.41 -26.11
C LEU A 71 8.08 8.90 -26.31
N ARG A 72 8.20 9.34 -27.54
CA ARG A 72 8.17 10.76 -27.90
C ARG A 72 6.93 11.10 -28.75
N PRO A 73 6.55 12.39 -28.83
CA PRO A 73 5.28 12.77 -29.46
C PRO A 73 5.06 12.18 -30.83
N GLY A 74 3.86 11.68 -31.09
CA GLY A 74 3.49 11.17 -32.41
C GLY A 74 4.14 9.84 -32.76
N ALA A 75 4.84 9.22 -31.82
CA ALA A 75 5.48 7.92 -32.10
C ALA A 75 4.45 6.86 -32.52
N THR A 76 4.94 5.87 -33.25
CA THR A 76 4.17 4.69 -33.54
C THR A 76 4.47 3.65 -32.45
N ILE A 77 3.41 3.11 -31.88
CA ILE A 77 3.49 2.03 -30.90
C ILE A 77 3.09 0.70 -31.56
N LEU A 78 3.85 -0.36 -31.31
CA LEU A 78 3.56 -1.69 -31.86
C LEU A 78 3.40 -2.72 -30.75
N GLU A 79 2.34 -3.51 -30.77
CA GLU A 79 2.12 -4.51 -29.74
C GLU A 79 1.41 -5.78 -30.27
N PRO A 80 1.96 -6.97 -30.00
CA PRO A 80 1.20 -8.20 -30.20
C PRO A 80 0.13 -8.41 -29.13
N THR A 81 -1.09 -8.69 -29.57
CA THR A 81 -2.22 -8.72 -28.67
C THR A 81 -3.35 -9.57 -29.25
N SER A 82 -4.11 -10.22 -28.37
CA SER A 82 -5.32 -10.93 -28.76
C SER A 82 -6.54 -10.01 -28.63
N GLY A 83 -6.34 -8.78 -28.14
CA GLY A 83 -7.39 -7.77 -28.22
C GLY A 83 -7.44 -6.82 -27.03
N ASN A 84 -7.43 -7.34 -25.82
CA ASN A 84 -7.69 -6.49 -24.63
C ASN A 84 -6.61 -5.44 -24.42
N THR A 85 -5.36 -5.88 -24.46
CA THR A 85 -4.28 -4.95 -24.38
C THR A 85 -4.29 -3.95 -25.53
N GLY A 86 -4.55 -4.43 -26.74
CA GLY A 86 -4.58 -3.56 -27.89
C GLY A 86 -5.61 -2.46 -27.71
N ILE A 87 -6.77 -2.83 -27.20
CA ILE A 87 -7.88 -1.90 -26.97
C ILE A 87 -7.51 -0.83 -25.95
N SER A 88 -6.93 -1.27 -24.84
CA SER A 88 -6.46 -0.36 -23.81
C SER A 88 -5.42 0.61 -24.39
N LEU A 89 -4.42 0.07 -25.08
CA LEU A 89 -3.38 0.91 -25.68
C LEU A 89 -3.98 1.89 -26.71
N ALA A 90 -4.98 1.43 -27.46
CA ALA A 90 -5.57 2.23 -28.52
C ALA A 90 -6.26 3.44 -27.93
N MET A 91 -6.97 3.22 -26.85
CA MET A 91 -7.65 4.29 -26.15
C MET A 91 -6.60 5.29 -25.65
N ALA A 92 -5.55 4.78 -25.00
CA ALA A 92 -4.52 5.67 -24.44
C ALA A 92 -3.70 6.39 -25.51
N ALA A 93 -3.42 5.70 -26.61
CA ALA A 93 -2.75 6.32 -27.77
C ALA A 93 -3.57 7.46 -28.39
N ARG A 94 -4.89 7.27 -28.46
CA ARG A 94 -5.76 8.33 -28.90
C ARG A 94 -5.63 9.56 -28.00
N LEU A 95 -5.64 9.36 -26.69
CA LEU A 95 -5.55 10.48 -25.77
C LEU A 95 -4.17 11.12 -25.81
N LYS A 96 -3.13 10.32 -25.95
CA LYS A 96 -1.77 10.83 -25.85
C LYS A 96 -1.13 11.23 -27.19
N GLY A 97 -1.77 10.92 -28.31
CA GLY A 97 -1.25 11.32 -29.62
C GLY A 97 -0.21 10.38 -30.23
N TYR A 98 -0.35 9.10 -29.97
CA TYR A 98 0.48 8.06 -30.60
C TYR A 98 -0.33 7.28 -31.64
N ARG A 99 0.37 6.72 -32.63
CA ARG A 99 -0.26 5.77 -33.57
C ARG A 99 -0.04 4.37 -33.01
N LEU A 100 -1.01 3.48 -33.20
CA LEU A 100 -0.92 2.15 -32.66
C LEU A 100 -1.13 1.12 -33.75
N ILE A 101 -0.22 0.18 -33.81
CA ILE A 101 -0.38 -0.99 -34.67
C ILE A 101 -0.41 -2.24 -33.80
N CYS A 102 -1.49 -3.00 -33.90
CA CYS A 102 -1.69 -4.24 -33.20
C CYS A 102 -1.43 -5.42 -34.13
N VAL A 103 -0.64 -6.37 -33.66
CA VAL A 103 -0.42 -7.61 -34.36
C VAL A 103 -1.23 -8.67 -33.67
N MET A 104 -2.19 -9.21 -34.40
CA MET A 104 -3.19 -10.07 -33.81
C MET A 104 -3.29 -11.42 -34.52
N PRO A 105 -3.80 -12.43 -33.81
CA PRO A 105 -4.14 -13.70 -34.47
C PRO A 105 -5.35 -13.53 -35.35
N GLU A 106 -5.53 -14.41 -36.33
CA GLU A 106 -6.79 -14.51 -37.04
C GLU A 106 -7.77 -15.17 -36.08
N ASN A 107 -9.06 -15.06 -36.37
CA ASN A 107 -10.10 -15.68 -35.54
C ASN A 107 -10.27 -14.99 -34.20
N THR A 108 -9.88 -13.72 -34.14
CA THR A 108 -10.22 -12.87 -33.01
C THR A 108 -11.67 -12.44 -33.21
N SER A 109 -12.46 -12.34 -32.15
CA SER A 109 -13.86 -11.92 -32.31
C SER A 109 -13.97 -10.58 -33.03
N VAL A 110 -15.03 -10.41 -33.82
CA VAL A 110 -15.25 -9.18 -34.59
C VAL A 110 -15.46 -7.93 -33.72
N GLU A 111 -16.04 -8.11 -32.53
CA GLU A 111 -16.20 -6.99 -31.57
C GLU A 111 -14.84 -6.35 -31.23
N ARG A 112 -13.83 -7.19 -31.05
CA ARG A 112 -12.43 -6.73 -30.85
C ARG A 112 -11.96 -5.84 -32.01
N ARG A 113 -12.12 -6.32 -33.24
CA ARG A 113 -11.62 -5.57 -34.40
C ARG A 113 -12.38 -4.27 -34.54
N GLN A 114 -13.69 -4.31 -34.28
CA GLN A 114 -14.53 -3.13 -34.43
C GLN A 114 -14.09 -2.04 -33.49
N LEU A 115 -13.86 -2.39 -32.21
CA LEU A 115 -13.47 -1.41 -31.20
C LEU A 115 -12.04 -0.91 -31.48
N LEU A 116 -11.15 -1.80 -31.93
CA LEU A 116 -9.79 -1.37 -32.33
C LEU A 116 -9.83 -0.34 -33.42
N GLU A 117 -10.60 -0.62 -34.46
CA GLU A 117 -10.71 0.33 -35.56
C GLU A 117 -11.41 1.61 -35.13
N LEU A 118 -12.43 1.51 -34.30
CA LEU A 118 -13.08 2.72 -33.80
C LEU A 118 -12.09 3.63 -33.04
N TYR A 119 -11.21 3.04 -32.22
CA TYR A 119 -10.13 3.81 -31.59
C TYR A 119 -9.03 4.26 -32.57
N GLY A 120 -9.08 3.83 -33.82
CA GLY A 120 -8.07 4.25 -34.79
C GLY A 120 -6.84 3.36 -34.84
N ALA A 121 -6.84 2.24 -34.13
CA ALA A 121 -5.71 1.31 -34.23
C ALA A 121 -5.64 0.67 -35.61
N GLN A 122 -4.42 0.45 -36.10
CA GLN A 122 -4.20 -0.33 -37.31
C GLN A 122 -4.01 -1.81 -36.91
N ILE A 123 -4.67 -2.73 -37.60
CA ILE A 123 -4.54 -4.14 -37.26
C ILE A 123 -3.75 -4.89 -38.33
N ILE A 124 -2.76 -5.66 -37.89
CA ILE A 124 -1.96 -6.54 -38.73
C ILE A 124 -2.21 -7.93 -38.20
N PHE A 125 -2.55 -8.87 -39.08
CA PHE A 125 -2.78 -10.25 -38.67
C PHE A 125 -1.57 -11.19 -38.83
N SER A 126 -1.60 -12.20 -37.96
CA SER A 126 -0.56 -13.20 -37.76
C SER A 126 0.89 -12.77 -37.92
N ALA A 135 1.93 -14.18 -33.39
CA ALA A 135 1.79 -12.71 -33.31
C ALA A 135 3.02 -12.05 -32.68
N VAL A 136 3.53 -12.65 -31.60
CA VAL A 136 4.74 -12.13 -30.94
C VAL A 136 5.97 -12.12 -31.86
N ALA A 137 6.23 -13.22 -32.55
CA ALA A 137 7.36 -13.29 -33.49
C ALA A 137 7.18 -12.26 -34.59
N THR A 138 5.99 -12.16 -35.15
CA THR A 138 5.74 -11.17 -36.18
C THR A 138 5.99 -9.72 -35.70
N ALA A 139 5.50 -9.40 -34.52
CA ALA A 139 5.73 -8.09 -33.92
C ALA A 139 7.20 -7.82 -33.75
N LYS A 140 7.91 -8.81 -33.21
CA LYS A 140 9.35 -8.70 -33.00
C LYS A 140 10.11 -8.44 -34.30
N GLU A 141 9.68 -9.04 -35.40
CA GLU A 141 10.38 -8.84 -36.66
C GLU A 141 10.13 -7.41 -37.11
N LEU A 142 8.86 -6.98 -37.06
CA LEU A 142 8.50 -5.63 -37.53
C LEU A 142 9.23 -4.58 -36.73
N ALA A 143 9.29 -4.78 -35.41
CA ALA A 143 9.98 -3.86 -34.51
C ALA A 143 11.46 -3.75 -34.85
N ALA A 144 12.08 -4.90 -35.15
CA ALA A 144 13.46 -4.91 -35.56
C ALA A 144 13.64 -4.17 -36.90
N THR A 145 12.69 -4.31 -37.80
CA THR A 145 12.78 -3.64 -39.06
C THR A 145 12.57 -2.12 -38.89
N ASN A 146 11.83 -1.70 -37.87
CA ASN A 146 11.52 -0.27 -37.70
C ASN A 146 11.93 0.18 -36.30
N PRO A 147 13.21 0.58 -36.14
CA PRO A 147 13.70 0.82 -34.77
C PRO A 147 13.02 1.98 -34.06
N SER A 148 12.45 2.92 -34.80
CA SER A 148 11.74 4.05 -34.18
C SER A 148 10.34 3.69 -33.66
N TRP A 149 9.84 2.51 -34.00
CA TRP A 149 8.55 2.06 -33.44
C TRP A 149 8.82 1.66 -32.02
N VAL A 150 7.86 1.86 -31.13
CA VAL A 150 8.04 1.51 -29.73
C VAL A 150 7.17 0.28 -29.42
N MET A 151 7.81 -0.81 -29.05
CA MET A 151 7.10 -2.01 -28.68
C MET A 151 7.25 -2.14 -27.18
N LEU A 152 6.17 -1.82 -26.47
CA LEU A 152 6.15 -1.84 -25.01
C LEU A 152 6.37 -3.24 -24.46
N TYR A 153 5.72 -4.22 -25.10
CA TYR A 153 5.93 -5.67 -24.92
C TYR A 153 5.40 -6.20 -23.58
N GLN A 154 4.09 -6.40 -23.54
CA GLN A 154 3.38 -6.78 -22.33
C GLN A 154 3.86 -8.09 -21.71
N TYR A 155 4.47 -8.97 -22.50
CA TYR A 155 4.93 -10.26 -21.98
C TYR A 155 6.21 -10.16 -21.16
N GLY A 156 6.93 -9.04 -21.29
CA GLY A 156 8.18 -8.84 -20.56
C GLY A 156 8.44 -7.49 -19.94
N ASN A 157 7.47 -6.58 -20.00
CA ASN A 157 7.61 -5.24 -19.45
C ASN A 157 7.23 -5.22 -17.95
N PRO A 158 8.14 -4.85 -17.07
CA PRO A 158 7.83 -4.95 -15.65
C PRO A 158 6.81 -3.92 -15.15
N ALA A 159 6.52 -2.90 -15.95
CA ALA A 159 5.39 -2.02 -15.66
C ALA A 159 4.03 -2.74 -15.68
N ASN A 160 3.94 -3.87 -16.38
CA ASN A 160 2.75 -4.71 -16.37
C ASN A 160 2.56 -5.26 -14.94
N THR A 161 3.52 -6.07 -14.51
CA THR A 161 3.54 -6.56 -13.11
C THR A 161 3.42 -5.43 -12.05
N ASP A 162 4.16 -4.35 -12.24
CA ASP A 162 4.09 -3.20 -11.31
C ASP A 162 2.69 -2.68 -11.18
N SER A 163 1.93 -2.63 -12.28
CA SER A 163 0.60 -2.09 -12.25
C SER A 163 -0.28 -2.87 -11.28
N HIS A 164 -0.02 -4.17 -11.16
CA HIS A 164 -0.75 -5.01 -10.21
C HIS A 164 -0.19 -5.03 -8.79
N TYR A 165 1.13 -4.95 -8.67
CA TYR A 165 1.82 -4.87 -7.38
C TYR A 165 1.41 -3.58 -6.65
N CYS A 166 1.25 -2.51 -7.42
CA CYS A 166 0.92 -1.20 -6.91
C CYS A 166 -0.57 -0.88 -6.93
N GLY A 167 -1.39 -1.62 -7.69
CA GLY A 167 -2.83 -1.33 -7.74
C GLY A 167 -3.73 -2.46 -7.28
N THR A 168 -3.83 -3.49 -8.10
CA THR A 168 -4.72 -4.60 -7.85
C THR A 168 -4.49 -5.21 -6.47
N GLY A 169 -3.24 -5.48 -6.13
CA GLY A 169 -2.88 -6.08 -4.84
C GLY A 169 -3.34 -5.32 -3.60
N PRO A 170 -2.86 -4.08 -3.43
CA PRO A 170 -3.26 -3.21 -2.33
C PRO A 170 -4.75 -2.99 -2.22
N GLU A 171 -5.43 -2.83 -3.36
CA GLU A 171 -6.87 -2.62 -3.34
C GLU A 171 -7.54 -3.83 -2.77
N LEU A 172 -7.02 -5.00 -3.13
CA LEU A 172 -7.62 -6.24 -2.70
C LEU A 172 -7.39 -6.46 -1.21
N LEU A 173 -6.17 -6.19 -0.75
CA LEU A 173 -5.86 -6.33 0.66
C LEU A 173 -6.68 -5.36 1.49
N ALA A 174 -6.80 -4.12 1.01
CA ALA A 174 -7.61 -3.11 1.69
C ALA A 174 -9.07 -3.54 1.84
N ASP A 175 -9.65 -4.11 0.79
CA ASP A 175 -11.05 -4.52 0.85
C ASP A 175 -11.27 -5.90 1.52
N LEU A 176 -10.25 -6.76 1.49
CA LEU A 176 -10.36 -8.14 1.95
C LEU A 176 -9.12 -8.52 2.75
N PRO A 177 -8.98 -7.90 3.93
CA PRO A 177 -7.83 -8.19 4.78
C PRO A 177 -7.83 -9.61 5.31
N GLU A 178 -8.99 -10.28 5.31
CA GLU A 178 -9.05 -11.70 5.73
C GLU A 178 -8.74 -12.69 4.60
N ILE A 179 -8.30 -12.20 3.44
CA ILE A 179 -8.04 -13.03 2.26
C ILE A 179 -7.14 -14.23 2.58
N THR A 180 -7.52 -15.39 2.05
CA THR A 180 -6.73 -16.60 2.14
C THR A 180 -6.23 -17.07 0.77
N HIS A 181 -6.97 -16.74 -0.29
CA HIS A 181 -6.59 -17.16 -1.66
C HIS A 181 -6.85 -16.04 -2.67
N PHE A 182 -6.02 -15.99 -3.71
CA PHE A 182 -6.24 -15.16 -4.89
C PHE A 182 -6.18 -16.02 -6.14
N VAL A 183 -7.22 -15.92 -6.98
CA VAL A 183 -7.32 -16.71 -8.22
C VAL A 183 -7.44 -15.77 -9.42
N ALA A 184 -6.64 -16.02 -10.46
CA ALA A 184 -6.71 -15.25 -11.71
C ALA A 184 -6.22 -16.06 -12.86
N GLY A 185 -6.51 -15.57 -14.05
CA GLY A 185 -5.99 -16.17 -15.27
C GLY A 185 -4.51 -15.88 -15.44
N LEU A 186 -3.82 -16.78 -16.14
CA LEU A 186 -2.39 -16.72 -16.35
C LEU A 186 -2.16 -16.54 -17.84
N GLY A 187 -1.89 -15.30 -18.25
CA GLY A 187 -1.69 -14.94 -19.66
C GLY A 187 -0.32 -14.33 -19.84
N THR A 188 -0.22 -13.00 -19.79
CA THR A 188 1.10 -12.34 -19.72
C THR A 188 1.82 -12.66 -18.42
N THR A 189 1.03 -13.09 -17.44
CA THR A 189 1.41 -13.40 -16.07
C THR A 189 1.52 -12.16 -15.18
N GLY A 190 1.32 -10.96 -15.73
CA GLY A 190 1.34 -9.74 -14.91
C GLY A 190 0.40 -9.75 -13.70
N THR A 191 -0.85 -10.20 -13.88
CA THR A 191 -1.81 -10.14 -12.79
C THR A 191 -1.34 -10.98 -11.62
N LEU A 192 -1.06 -12.25 -11.87
CA LEU A 192 -0.63 -13.17 -10.81
C LEU A 192 0.75 -12.83 -10.25
N MET A 193 1.70 -12.43 -11.08
CA MET A 193 3.04 -12.09 -10.55
C MET A 193 3.01 -10.84 -9.69
N GLY A 194 2.36 -9.78 -10.19
CA GLY A 194 2.24 -8.54 -9.45
C GLY A 194 1.34 -8.63 -8.22
N THR A 195 0.08 -9.02 -8.40
CA THR A 195 -0.83 -9.22 -7.26
C THR A 195 -0.29 -10.26 -6.29
N GLY A 196 0.22 -11.37 -6.83
CA GLY A 196 0.66 -12.50 -6.04
C GLY A 196 1.89 -12.16 -5.23
N ARG A 197 2.86 -11.51 -5.87
CA ARG A 197 4.00 -11.06 -5.09
C ARG A 197 3.62 -10.09 -3.98
N PHE A 198 2.76 -9.11 -4.29
CA PHE A 198 2.31 -8.21 -3.26
C PHE A 198 1.68 -8.96 -2.10
N LEU A 199 0.75 -9.84 -2.42
CA LEU A 199 -0.01 -10.55 -1.38
C LEU A 199 0.89 -11.46 -0.55
N ARG A 200 1.81 -12.14 -1.20
CA ARG A 200 2.71 -13.04 -0.49
C ARG A 200 3.71 -12.32 0.39
N GLU A 201 4.09 -11.11 0.00
CA GLU A 201 4.92 -10.28 0.84
C GLU A 201 4.17 -9.62 2.01
N HIS A 202 2.84 -9.69 2.03
CA HIS A 202 2.04 -9.04 3.08
C HIS A 202 1.15 -9.97 3.90
N VAL A 203 0.72 -11.09 3.32
CA VAL A 203 -0.27 -11.95 3.95
C VAL A 203 0.34 -13.35 4.13
N ALA A 204 0.43 -13.77 5.39
CA ALA A 204 1.06 -15.03 5.78
C ALA A 204 0.28 -16.17 5.27
N ASN A 205 0.96 -17.09 4.60
CA ASN A 205 0.33 -18.31 4.10
C ASN A 205 -0.77 -18.10 3.05
N VAL A 206 -0.84 -16.91 2.44
CA VAL A 206 -1.82 -16.67 1.36
C VAL A 206 -1.52 -17.56 0.16
N LYS A 207 -2.56 -18.04 -0.53
CA LYS A 207 -2.36 -18.91 -1.71
C LYS A 207 -2.66 -18.16 -3.01
N ILE A 208 -1.84 -18.41 -4.02
CA ILE A 208 -1.89 -17.71 -5.32
C ILE A 208 -2.13 -18.80 -6.37
N VAL A 209 -3.30 -18.74 -7.01
CA VAL A 209 -3.81 -19.83 -7.86
C VAL A 209 -4.05 -19.35 -9.27
N ALA A 210 -3.39 -19.98 -10.24
CA ALA A 210 -3.59 -19.67 -11.64
C ALA A 210 -4.69 -20.54 -12.25
N ALA A 211 -5.38 -19.98 -13.22
CA ALA A 211 -6.19 -20.75 -14.15
C ALA A 211 -5.61 -20.50 -15.51
N GLU A 212 -5.31 -21.55 -16.26
CA GLU A 212 -4.84 -21.41 -17.64
C GLU A 212 -5.64 -22.33 -18.55
N PRO A 213 -5.68 -22.01 -19.85
CA PRO A 213 -6.46 -22.83 -20.77
C PRO A 213 -5.80 -24.21 -21.00
N ARG A 214 -6.59 -25.24 -21.29
CA ARG A 214 -6.08 -26.61 -21.38
C ARG A 214 -5.43 -26.93 -22.73
N VAL A 230 6.87 -19.06 -22.82
CA VAL A 230 6.89 -18.56 -21.44
C VAL A 230 7.28 -17.07 -21.32
N PRO A 231 6.30 -16.21 -20.99
CA PRO A 231 6.59 -14.78 -20.84
C PRO A 231 7.72 -14.54 -19.85
N GLU A 232 8.57 -13.58 -20.17
CA GLU A 232 9.69 -13.19 -19.33
C GLU A 232 9.29 -12.63 -17.99
N LEU A 233 8.02 -12.22 -17.85
CA LEU A 233 7.51 -11.76 -16.56
C LEU A 233 7.34 -12.91 -15.58
N TYR A 234 7.17 -14.13 -16.08
CA TYR A 234 6.85 -15.24 -15.18
C TYR A 234 7.95 -15.47 -14.15
N ASP A 235 7.56 -15.64 -12.90
CA ASP A 235 8.46 -16.07 -11.84
C ASP A 235 7.90 -17.36 -11.24
N PRO A 236 8.61 -18.50 -11.44
CA PRO A 236 8.13 -19.80 -10.94
C PRO A 236 7.90 -19.89 -9.44
N GLU A 237 8.47 -18.99 -8.65
CA GLU A 237 8.31 -19.05 -7.20
C GLU A 237 6.90 -18.66 -6.71
N ILE A 238 6.21 -17.80 -7.45
CA ILE A 238 5.00 -17.14 -6.89
C ILE A 238 3.78 -18.02 -6.72
N LEU A 239 3.44 -18.79 -7.74
CA LEU A 239 2.20 -19.59 -7.74
C LEU A 239 2.27 -20.73 -6.76
N THR A 240 1.22 -20.88 -5.98
CA THR A 240 1.09 -22.04 -5.09
C THR A 240 0.23 -23.14 -5.72
N ALA A 241 -0.54 -22.81 -6.73
CA ALA A 241 -1.31 -23.82 -7.47
C ALA A 241 -1.61 -23.34 -8.89
N ARG A 242 -1.80 -24.29 -9.80
CA ARG A 242 -2.23 -23.93 -11.14
C ARG A 242 -3.09 -25.01 -11.73
N TYR A 243 -4.21 -24.56 -12.32
CA TYR A 243 -5.22 -25.44 -12.87
C TYR A 243 -5.41 -25.18 -14.36
N SER A 244 -5.38 -26.25 -15.13
CA SER A 244 -5.72 -26.22 -16.56
C SER A 244 -7.21 -26.38 -16.65
N VAL A 245 -7.87 -25.56 -17.46
CA VAL A 245 -9.31 -25.55 -17.50
C VAL A 245 -9.73 -25.66 -18.96
N GLY A 246 -10.59 -26.62 -19.23
CA GLY A 246 -11.14 -26.82 -20.55
C GLY A 246 -12.21 -25.81 -20.93
N ALA A 247 -12.32 -25.58 -22.22
CA ALA A 247 -13.26 -24.64 -22.78
C ALA A 247 -14.70 -24.89 -22.34
N VAL A 248 -15.10 -26.15 -22.24
CA VAL A 248 -16.49 -26.43 -21.90
C VAL A 248 -16.73 -26.08 -20.46
N ASP A 249 -15.78 -26.39 -19.59
CA ASP A 249 -15.92 -25.98 -18.21
C ASP A 249 -15.93 -24.44 -18.07
N ALA A 250 -15.12 -23.75 -18.88
CA ALA A 250 -15.01 -22.29 -18.79
C ALA A 250 -16.30 -21.61 -19.19
N VAL A 251 -16.87 -22.06 -20.30
CA VAL A 251 -18.20 -21.63 -20.76
C VAL A 251 -19.31 -21.95 -19.72
N ARG A 252 -19.36 -23.17 -19.19
CA ARG A 252 -20.35 -23.53 -18.20
C ARG A 252 -20.30 -22.55 -17.04
N ARG A 253 -19.11 -22.36 -16.50
CA ARG A 253 -18.95 -21.51 -15.31
C ARG A 253 -19.36 -20.06 -15.60
N THR A 254 -19.00 -19.56 -16.78
CA THR A 254 -19.36 -18.20 -17.20
C THR A 254 -20.85 -18.00 -17.21
N ARG A 255 -21.55 -18.97 -17.80
CA ARG A 255 -23.00 -18.97 -17.83
C ARG A 255 -23.53 -19.12 -16.42
N GLU A 256 -22.91 -19.96 -15.61
CA GLU A 256 -23.38 -20.14 -14.23
C GLU A 256 -23.28 -18.84 -13.42
N LEU A 257 -22.18 -18.12 -13.61
CA LEU A 257 -21.96 -16.86 -12.90
C LEU A 257 -23.06 -15.85 -13.20
N VAL A 258 -23.42 -15.71 -14.47
CA VAL A 258 -24.43 -14.73 -14.84
C VAL A 258 -25.81 -15.19 -14.35
N HIS A 259 -26.10 -16.48 -14.45
CA HIS A 259 -27.38 -17.02 -13.96
C HIS A 259 -27.55 -16.88 -12.45
N THR A 260 -26.47 -17.02 -11.70
CA THR A 260 -26.57 -17.13 -10.24
C THR A 260 -26.22 -15.84 -9.51
N GLU A 261 -25.26 -15.08 -10.03
CA GLU A 261 -24.82 -13.83 -9.41
C GLU A 261 -25.11 -12.55 -10.22
N GLY A 262 -25.57 -12.69 -11.48
CA GLY A 262 -25.95 -11.53 -12.27
C GLY A 262 -24.79 -10.88 -13.00
N ILE A 263 -23.60 -11.44 -12.85
CA ILE A 263 -22.42 -10.83 -13.44
C ILE A 263 -22.18 -11.35 -14.83
N PHE A 264 -22.15 -10.45 -15.78
CA PHE A 264 -21.94 -10.77 -17.21
C PHE A 264 -20.47 -10.70 -17.53
N ALA A 265 -19.76 -11.81 -17.35
CA ALA A 265 -18.31 -11.83 -17.44
C ALA A 265 -17.84 -12.43 -18.73
N GLY A 266 -16.59 -12.18 -19.06
CA GLY A 266 -15.95 -12.80 -20.21
C GLY A 266 -15.55 -14.22 -19.89
N ILE A 267 -14.96 -14.88 -20.86
CA ILE A 267 -14.74 -16.33 -20.77
C ILE A 267 -13.66 -16.71 -19.77
N SER A 268 -12.61 -15.90 -19.68
CA SER A 268 -11.52 -16.15 -18.73
C SER A 268 -12.08 -16.21 -17.31
N THR A 269 -13.10 -15.43 -17.02
CA THR A 269 -13.71 -15.45 -15.69
C THR A 269 -14.35 -16.78 -15.35
N GLY A 270 -14.88 -17.44 -16.37
CA GLY A 270 -15.38 -18.81 -16.24
C GLY A 270 -14.30 -19.76 -15.80
N ALA A 271 -13.16 -19.72 -16.48
CA ALA A 271 -12.04 -20.59 -16.11
C ALA A 271 -11.58 -20.30 -14.68
N VAL A 272 -11.50 -19.02 -14.35
CA VAL A 272 -11.08 -18.57 -13.04
C VAL A 272 -12.06 -19.06 -11.98
N LEU A 273 -13.36 -18.93 -12.24
CA LEU A 273 -14.39 -19.40 -11.32
C LEU A 273 -14.30 -20.94 -11.14
N HIS A 274 -14.05 -21.68 -12.22
CA HIS A 274 -13.81 -23.11 -12.13
C HIS A 274 -12.73 -23.43 -11.08
N ALA A 275 -11.58 -22.77 -11.18
CA ALA A 275 -10.48 -22.99 -10.25
C ALA A 275 -10.86 -22.59 -8.83
N ALA A 276 -11.47 -21.42 -8.69
CA ALA A 276 -11.93 -20.93 -7.39
C ALA A 276 -12.92 -21.85 -6.71
N LEU A 277 -13.84 -22.40 -7.47
CA LEU A 277 -14.81 -23.35 -6.93
C LEU A 277 -14.10 -24.64 -6.50
N GLY A 278 -13.12 -25.08 -7.27
CA GLY A 278 -12.32 -26.27 -6.91
C GLY A 278 -11.61 -26.05 -5.60
N VAL A 279 -10.92 -24.92 -5.49
CA VAL A 279 -10.25 -24.55 -4.25
C VAL A 279 -11.24 -24.40 -3.11
N GLY A 280 -12.39 -23.78 -3.37
CA GLY A 280 -13.40 -23.64 -2.33
C GLY A 280 -13.93 -24.98 -1.81
N ALA A 281 -14.11 -25.94 -2.69
CA ALA A 281 -14.65 -27.23 -2.28
C ALA A 281 -13.61 -27.96 -1.41
N GLY A 282 -12.33 -27.77 -1.75
CA GLY A 282 -11.24 -28.24 -0.90
C GLY A 282 -11.36 -27.71 0.52
N ALA A 283 -11.46 -26.39 0.67
CA ALA A 283 -11.55 -25.80 2.01
C ALA A 283 -12.81 -26.29 2.76
N LEU A 284 -13.92 -26.41 2.06
CA LEU A 284 -15.17 -26.90 2.67
C LEU A 284 -15.00 -28.33 3.16
N ALA A 285 -14.34 -29.18 2.37
CA ALA A 285 -14.12 -30.58 2.75
C ALA A 285 -13.14 -30.73 3.89
N ALA A 286 -12.22 -29.77 4.00
CA ALA A 286 -11.22 -29.77 5.06
C ALA A 286 -11.69 -29.04 6.32
N GLY A 287 -12.87 -28.46 6.30
CA GLY A 287 -13.38 -27.68 7.45
C GLY A 287 -12.65 -26.37 7.72
N GLU A 288 -12.00 -25.80 6.72
CA GLU A 288 -11.17 -24.60 6.90
C GLU A 288 -11.86 -23.36 6.36
N ARG A 289 -11.69 -22.24 7.05
CA ARG A 289 -12.19 -20.96 6.60
C ARG A 289 -11.44 -20.56 5.33
N ALA A 290 -12.15 -20.02 4.37
CA ALA A 290 -11.49 -19.50 3.18
C ALA A 290 -12.21 -18.24 2.76
N ASP A 291 -11.43 -17.26 2.34
CA ASP A 291 -11.91 -16.05 1.68
C ASP A 291 -11.14 -15.90 0.41
N ILE A 292 -11.79 -16.28 -0.67
CA ILE A 292 -11.15 -16.45 -1.96
C ILE A 292 -11.50 -15.31 -2.91
N ALA A 293 -10.50 -14.50 -3.26
CA ALA A 293 -10.72 -13.42 -4.21
C ALA A 293 -10.36 -13.89 -5.61
N LEU A 294 -11.19 -13.52 -6.58
CA LEU A 294 -11.03 -13.94 -7.96
C LEU A 294 -11.31 -12.78 -8.89
N VAL A 295 -10.58 -12.74 -10.01
CA VAL A 295 -10.61 -11.66 -10.96
C VAL A 295 -11.64 -11.94 -12.03
N VAL A 296 -12.49 -10.95 -12.27
CA VAL A 296 -13.35 -10.85 -13.42
C VAL A 296 -12.65 -9.88 -14.38
N ALA A 297 -11.87 -10.42 -15.31
CA ALA A 297 -10.92 -9.58 -16.07
C ALA A 297 -11.58 -8.70 -17.10
N ASP A 298 -12.74 -9.12 -17.57
CA ASP A 298 -13.56 -8.38 -18.52
C ASP A 298 -15.00 -8.91 -18.55
N ALA A 299 -15.88 -8.17 -19.20
CA ALA A 299 -17.31 -8.51 -19.31
C ALA A 299 -17.57 -9.32 -20.56
N GLY A 300 -18.81 -9.77 -20.73
CA GLY A 300 -19.15 -10.65 -21.84
C GLY A 300 -19.32 -10.03 -23.22
N TRP A 301 -19.44 -8.70 -23.27
CA TRP A 301 -19.82 -7.98 -24.50
C TRP A 301 -19.07 -8.45 -25.73
N LYS A 302 -17.75 -8.58 -25.59
CA LYS A 302 -16.88 -8.86 -26.73
C LYS A 302 -16.96 -10.29 -27.20
N TYR A 303 -17.67 -11.14 -26.46
CA TYR A 303 -17.76 -12.57 -26.73
C TYR A 303 -19.17 -13.04 -27.17
N LEU A 304 -20.11 -12.11 -27.36
CA LEU A 304 -21.47 -12.49 -27.77
C LEU A 304 -21.43 -13.20 -29.13
N SER A 305 -20.62 -12.70 -30.05
CA SER A 305 -20.52 -13.25 -31.41
C SER A 305 -20.01 -14.69 -31.44
N THR A 306 -19.47 -15.19 -30.34
CA THR A 306 -18.95 -16.56 -30.30
C THR A 306 -20.03 -17.59 -29.97
N GLY A 307 -21.26 -17.16 -29.69
CA GLY A 307 -22.29 -18.13 -29.33
C GLY A 307 -22.24 -18.72 -27.93
N ALA A 308 -21.14 -18.50 -27.19
CA ALA A 308 -21.01 -19.01 -25.81
C ALA A 308 -22.15 -18.61 -24.86
N TYR A 309 -22.78 -17.47 -25.14
CA TYR A 309 -23.92 -16.99 -24.33
C TYR A 309 -25.25 -17.23 -25.04
N ARG B 6 -16.43 -2.71 0.23
CA ARG B 6 -16.87 -3.96 -0.41
C ARG B 6 -18.39 -4.19 -0.28
N TYR B 7 -18.89 -5.09 -1.11
CA TYR B 7 -20.30 -5.25 -1.30
C TYR B 7 -20.69 -6.72 -1.13
N ASP B 8 -21.94 -6.95 -0.75
CA ASP B 8 -22.47 -8.29 -0.50
C ASP B 8 -23.11 -8.91 -1.74
N SER B 9 -23.49 -8.07 -2.71
CA SER B 9 -23.86 -8.55 -4.03
C SER B 9 -23.64 -7.47 -5.07
N LEU B 10 -23.72 -7.88 -6.33
CA LEU B 10 -23.63 -6.95 -7.44
C LEU B 10 -24.64 -5.79 -7.30
N LEU B 11 -25.83 -6.07 -6.78
CA LEU B 11 -26.88 -5.03 -6.60
C LEU B 11 -26.40 -3.79 -5.88
N GLN B 12 -25.44 -3.98 -4.97
CA GLN B 12 -24.93 -2.87 -4.17
C GLN B 12 -23.78 -2.14 -4.83
N ALA B 13 -23.13 -2.77 -5.83
CA ALA B 13 -22.03 -2.16 -6.56
C ALA B 13 -22.59 -1.29 -7.67
N LEU B 14 -23.20 -0.19 -7.28
CA LEU B 14 -24.17 0.52 -8.08
C LEU B 14 -24.01 1.97 -7.67
N GLY B 15 -24.05 2.88 -8.64
CA GLY B 15 -23.95 4.29 -8.34
C GLY B 15 -22.54 4.68 -7.97
N ASN B 16 -22.39 5.87 -7.39
CA ASN B 16 -21.07 6.41 -7.12
C ASN B 16 -20.16 6.33 -8.32
N THR B 17 -20.70 6.79 -9.45
CA THR B 17 -20.01 6.66 -10.72
C THR B 17 -19.04 7.81 -10.92
N PRO B 18 -17.94 7.57 -11.66
CA PRO B 18 -16.99 8.64 -11.80
C PRO B 18 -17.49 9.78 -12.67
N LEU B 19 -17.02 10.98 -12.35
CA LEU B 19 -17.20 12.16 -13.17
C LEU B 19 -15.86 12.54 -13.78
N VAL B 20 -15.79 12.58 -15.11
CA VAL B 20 -14.52 12.86 -15.77
C VAL B 20 -14.58 14.13 -16.63
N GLY B 21 -13.64 15.03 -16.35
CA GLY B 21 -13.53 16.26 -17.10
C GLY B 21 -13.07 15.94 -18.49
N LEU B 22 -13.74 16.57 -19.47
CA LEU B 22 -13.40 16.40 -20.87
C LEU B 22 -12.54 17.57 -21.34
N GLN B 23 -11.23 17.44 -21.13
CA GLN B 23 -10.34 18.57 -21.36
C GLN B 23 -10.17 18.93 -22.83
N ARG B 24 -10.30 17.96 -23.73
CA ARG B 24 -10.10 18.23 -25.15
C ARG B 24 -11.38 18.68 -25.81
N LEU B 25 -12.49 18.11 -25.37
CA LEU B 25 -13.77 18.38 -26.01
C LEU B 25 -14.45 19.63 -25.47
N SER B 26 -14.10 20.06 -24.27
CA SER B 26 -14.70 21.24 -23.68
C SER B 26 -14.38 22.49 -24.50
N PRO B 27 -15.38 23.34 -24.79
CA PRO B 27 -15.14 24.63 -25.47
C PRO B 27 -13.92 25.42 -24.94
N ARG B 28 -13.80 25.56 -23.62
CA ARG B 28 -12.58 26.11 -23.03
C ARG B 28 -12.28 25.52 -21.65
N TRP B 29 -11.26 24.67 -21.57
CA TRP B 29 -10.95 23.99 -20.30
C TRP B 29 -10.39 24.94 -19.22
N ASP B 30 -9.43 25.80 -19.56
CA ASP B 30 -8.81 26.67 -18.56
C ASP B 30 -9.31 28.10 -18.65
N ASP B 31 -9.43 28.76 -17.49
CA ASP B 31 -9.73 30.19 -17.47
C ASP B 31 -8.51 30.96 -17.93
N GLY B 32 -8.74 32.06 -18.64
CA GLY B 32 -7.65 32.92 -18.98
C GLY B 32 -8.06 34.21 -19.62
N ARG B 33 -7.15 34.75 -20.41
CA ARG B 33 -7.25 36.07 -20.99
C ARG B 33 -8.41 36.15 -21.96
N ASP B 34 -8.72 35.04 -22.63
CA ASP B 34 -9.85 35.01 -23.57
C ASP B 34 -11.22 35.00 -22.86
N GLY B 35 -11.25 34.59 -21.59
CA GLY B 35 -12.50 34.57 -20.83
C GLY B 35 -12.59 33.38 -19.89
N PRO B 36 -13.73 33.24 -19.21
CA PRO B 36 -13.87 32.16 -18.23
C PRO B 36 -14.01 30.77 -18.87
N HIS B 37 -13.76 29.75 -18.08
CA HIS B 37 -13.79 28.38 -18.58
C HIS B 37 -15.23 27.94 -18.87
N VAL B 38 -15.36 27.11 -19.89
CA VAL B 38 -16.60 26.40 -20.21
C VAL B 38 -16.22 24.93 -20.27
N ARG B 39 -16.52 24.21 -19.20
CA ARG B 39 -16.08 22.83 -19.04
C ARG B 39 -17.21 21.83 -19.14
N LEU B 40 -16.93 20.67 -19.75
CA LEU B 40 -17.86 19.54 -19.76
C LEU B 40 -17.35 18.45 -18.88
N TRP B 41 -18.26 17.86 -18.11
CA TRP B 41 -17.94 16.79 -17.18
C TRP B 41 -18.88 15.62 -17.46
N ALA B 42 -18.33 14.43 -17.70
CA ALA B 42 -19.09 13.26 -18.08
C ALA B 42 -19.26 12.34 -16.89
N LYS B 43 -20.50 12.03 -16.54
CA LYS B 43 -20.80 11.08 -15.49
C LYS B 43 -21.01 9.69 -16.12
N LEU B 44 -20.08 8.77 -15.83
CA LEU B 44 -20.03 7.49 -16.52
C LEU B 44 -20.96 6.44 -15.93
N GLU B 45 -22.22 6.44 -16.35
CA GLU B 45 -23.23 5.51 -15.83
C GLU B 45 -23.19 4.09 -16.39
N ASP B 46 -22.23 3.82 -17.27
CA ASP B 46 -21.89 2.44 -17.61
C ASP B 46 -21.05 1.72 -16.54
N ARG B 47 -20.56 2.45 -15.55
CA ARG B 47 -19.88 1.85 -14.40
C ARG B 47 -20.90 1.40 -13.37
N ASN B 48 -21.68 0.42 -13.78
CA ASN B 48 -22.86 -0.01 -13.04
C ASN B 48 -23.08 -1.51 -13.39
N PRO B 49 -23.81 -2.25 -12.55
CA PRO B 49 -23.99 -3.70 -12.68
C PRO B 49 -24.18 -4.26 -14.10
N THR B 50 -25.10 -3.68 -14.86
CA THR B 50 -25.37 -4.15 -16.24
C THR B 50 -24.89 -3.17 -17.28
N GLY B 51 -24.19 -2.12 -16.85
CA GLY B 51 -23.58 -1.20 -17.78
C GLY B 51 -24.49 -0.08 -18.28
N SER B 52 -25.53 0.25 -17.52
CA SER B 52 -26.30 1.45 -17.82
C SER B 52 -26.90 2.05 -16.58
N ILE B 53 -27.37 3.27 -16.79
CA ILE B 53 -27.96 4.07 -15.77
C ILE B 53 -29.23 3.43 -15.23
N LYS B 54 -29.84 2.54 -16.01
CA LYS B 54 -31.10 1.93 -15.60
C LYS B 54 -30.95 1.08 -14.38
N ASP B 55 -29.75 0.69 -14.03
CA ASP B 55 -29.58 -0.08 -12.82
C ASP B 55 -30.12 0.68 -11.61
N ARG B 56 -29.99 2.01 -11.62
CA ARG B 56 -30.45 2.84 -10.50
C ARG B 56 -31.96 2.76 -10.28
N PRO B 57 -32.77 3.10 -11.29
CA PRO B 57 -34.20 2.97 -11.05
C PRO B 57 -34.68 1.52 -10.97
N ALA B 58 -34.08 0.60 -11.72
CA ALA B 58 -34.52 -0.79 -11.70
C ALA B 58 -34.44 -1.37 -10.32
N VAL B 59 -33.31 -1.21 -9.69
CA VAL B 59 -33.11 -1.77 -8.36
C VAL B 59 -34.01 -1.08 -7.36
N ARG B 60 -34.13 0.24 -7.45
CA ARG B 60 -34.99 0.95 -6.51
C ARG B 60 -36.46 0.65 -6.74
N MET B 61 -36.88 0.47 -7.99
CA MET B 61 -38.27 0.06 -8.24
C MET B 61 -38.61 -1.33 -7.63
N ILE B 62 -37.71 -2.29 -7.79
CA ILE B 62 -37.92 -3.61 -7.18
C ILE B 62 -37.97 -3.53 -5.64
N GLU B 63 -36.97 -2.90 -5.04
CA GLU B 63 -36.86 -2.86 -3.59
C GLU B 63 -38.05 -2.14 -2.98
N GLN B 64 -38.46 -1.03 -3.57
CA GLN B 64 -39.67 -0.36 -3.17
C GLN B 64 -40.93 -1.24 -3.35
N ALA B 65 -41.02 -1.98 -4.46
CA ALA B 65 -42.11 -2.92 -4.63
C ALA B 65 -42.09 -3.99 -3.54
N GLU B 66 -40.90 -4.42 -3.15
CA GLU B 66 -40.78 -5.41 -2.10
C GLU B 66 -41.24 -4.84 -0.76
N ALA B 67 -40.75 -3.65 -0.44
CA ALA B 67 -41.18 -2.93 0.77
C ALA B 67 -42.69 -2.71 0.85
N ASP B 68 -43.32 -2.40 -0.28
CA ASP B 68 -44.77 -2.21 -0.33
C ASP B 68 -45.57 -3.51 -0.33
N GLY B 69 -44.92 -4.67 -0.24
CA GLY B 69 -45.61 -5.96 -0.29
C GLY B 69 -46.23 -6.33 -1.62
N LEU B 70 -45.76 -5.71 -2.70
CA LEU B 70 -46.27 -5.96 -4.05
C LEU B 70 -45.58 -7.14 -4.74
N LEU B 71 -44.48 -7.62 -4.18
CA LEU B 71 -43.73 -8.74 -4.76
C LEU B 71 -43.53 -9.87 -3.76
N ARG B 72 -44.25 -10.97 -3.94
CA ARG B 72 -43.97 -12.17 -3.18
C ARG B 72 -42.90 -12.98 -3.92
N PRO B 73 -42.07 -13.73 -3.17
CA PRO B 73 -41.01 -14.50 -3.82
C PRO B 73 -41.53 -15.34 -4.96
N GLY B 74 -40.70 -15.57 -5.98
CA GLY B 74 -41.10 -16.29 -7.19
C GLY B 74 -42.03 -15.53 -8.14
N ALA B 75 -42.34 -14.27 -7.84
CA ALA B 75 -43.29 -13.54 -8.69
C ALA B 75 -42.70 -13.30 -10.08
N THR B 76 -43.59 -13.05 -11.03
CA THR B 76 -43.18 -12.71 -12.40
C THR B 76 -43.34 -11.21 -12.60
N ILE B 77 -42.24 -10.58 -13.01
CA ILE B 77 -42.23 -9.16 -13.31
C ILE B 77 -42.48 -8.97 -14.82
N LEU B 78 -43.20 -7.90 -15.15
CA LEU B 78 -43.52 -7.56 -16.52
C LEU B 78 -43.18 -6.08 -16.77
N GLU B 79 -42.41 -5.78 -17.79
CA GLU B 79 -42.04 -4.39 -18.08
C GLU B 79 -41.85 -4.12 -19.59
N PRO B 80 -42.42 -3.00 -20.09
CA PRO B 80 -42.07 -2.57 -21.45
C PRO B 80 -40.72 -1.87 -21.40
N THR B 81 -39.87 -2.14 -22.37
CA THR B 81 -38.51 -1.59 -22.34
C THR B 81 -37.96 -1.51 -23.74
N SER B 82 -37.10 -0.53 -24.00
CA SER B 82 -36.30 -0.57 -25.21
C SER B 82 -35.03 -1.39 -24.99
N GLY B 83 -34.81 -1.90 -23.79
CA GLY B 83 -33.66 -2.79 -23.55
C GLY B 83 -32.97 -2.61 -22.21
N ASN B 84 -32.51 -1.39 -21.92
CA ASN B 84 -31.66 -1.18 -20.76
C ASN B 84 -32.37 -1.54 -19.45
N THR B 85 -33.58 -1.02 -19.26
CA THR B 85 -34.36 -1.31 -18.07
C THR B 85 -34.64 -2.82 -17.95
N GLY B 86 -34.99 -3.45 -19.06
CA GLY B 86 -35.20 -4.90 -19.09
C GLY B 86 -33.97 -5.66 -18.59
N ILE B 87 -32.81 -5.25 -19.11
CA ILE B 87 -31.55 -5.90 -18.75
C ILE B 87 -31.25 -5.72 -17.25
N SER B 88 -31.40 -4.49 -16.77
CA SER B 88 -31.21 -4.20 -15.33
C SER B 88 -32.16 -5.05 -14.49
N LEU B 89 -33.44 -5.05 -14.86
CA LEU B 89 -34.44 -5.82 -14.12
C LEU B 89 -34.15 -7.33 -14.13
N ALA B 90 -33.56 -7.80 -15.23
CA ALA B 90 -33.28 -9.23 -15.44
C ALA B 90 -32.15 -9.67 -14.53
N MET B 91 -31.13 -8.82 -14.45
CA MET B 91 -30.06 -9.01 -13.49
C MET B 91 -30.64 -9.08 -12.06
N ALA B 92 -31.41 -8.06 -11.68
CA ALA B 92 -31.94 -8.00 -10.33
C ALA B 92 -32.84 -9.19 -10.01
N ALA B 93 -33.59 -9.63 -11.01
CA ALA B 93 -34.50 -10.76 -10.87
C ALA B 93 -33.77 -12.10 -10.64
N ARG B 94 -32.59 -12.25 -11.20
CA ARG B 94 -31.77 -13.44 -10.97
C ARG B 94 -31.23 -13.53 -9.54
N LEU B 95 -30.84 -12.39 -8.98
CA LEU B 95 -30.35 -12.34 -7.61
C LEU B 95 -31.47 -12.47 -6.60
N LYS B 96 -32.69 -12.03 -6.95
CA LYS B 96 -33.81 -12.06 -6.02
C LYS B 96 -34.84 -13.16 -6.28
N GLY B 97 -34.67 -13.99 -7.30
CA GLY B 97 -35.61 -15.09 -7.58
C GLY B 97 -36.97 -14.71 -8.15
N TYR B 98 -36.98 -13.75 -9.08
CA TYR B 98 -38.20 -13.43 -9.84
C TYR B 98 -38.01 -13.87 -11.27
N ARG B 99 -39.14 -14.08 -11.95
CA ARG B 99 -39.15 -14.32 -13.38
C ARG B 99 -39.42 -12.97 -14.02
N LEU B 100 -38.99 -12.81 -15.26
CA LEU B 100 -39.17 -11.56 -15.98
C LEU B 100 -39.69 -11.78 -17.38
N ILE B 101 -40.71 -10.99 -17.73
CA ILE B 101 -41.19 -10.84 -19.09
C ILE B 101 -41.00 -9.38 -19.53
N CYS B 102 -40.34 -9.20 -20.65
CA CYS B 102 -40.14 -7.88 -21.23
C CYS B 102 -40.90 -7.76 -22.52
N VAL B 103 -41.48 -6.59 -22.74
CA VAL B 103 -42.02 -6.25 -24.05
C VAL B 103 -41.09 -5.22 -24.66
N MET B 104 -40.49 -5.59 -25.80
CA MET B 104 -39.47 -4.81 -26.47
C MET B 104 -39.84 -4.66 -27.93
N PRO B 105 -39.62 -3.49 -28.52
CA PRO B 105 -39.86 -3.42 -29.97
C PRO B 105 -38.96 -4.37 -30.74
N GLU B 106 -39.49 -4.93 -31.83
CA GLU B 106 -38.76 -5.89 -32.65
C GLU B 106 -37.54 -5.31 -33.36
N ASN B 107 -37.54 -4.01 -33.60
CA ASN B 107 -36.42 -3.34 -34.25
C ASN B 107 -35.41 -2.76 -33.23
N THR B 108 -34.99 -3.58 -32.28
CA THR B 108 -33.94 -3.21 -31.32
C THR B 108 -32.72 -4.06 -31.63
N SER B 109 -31.56 -3.58 -31.21
CA SER B 109 -30.30 -4.25 -31.56
C SER B 109 -30.27 -5.71 -31.06
N VAL B 110 -29.63 -6.57 -31.84
CA VAL B 110 -29.47 -7.96 -31.47
C VAL B 110 -28.75 -8.15 -30.13
N GLU B 111 -27.84 -7.25 -29.78
CA GLU B 111 -27.14 -7.36 -28.49
C GLU B 111 -28.10 -7.35 -27.29
N ARG B 112 -29.11 -6.48 -27.35
CA ARG B 112 -30.12 -6.38 -26.30
C ARG B 112 -30.85 -7.72 -26.10
N ARG B 113 -31.33 -8.27 -27.20
CA ARG B 113 -31.96 -9.59 -27.25
C ARG B 113 -31.09 -10.65 -26.62
N GLN B 114 -29.84 -10.75 -27.09
CA GLN B 114 -28.94 -11.79 -26.59
C GLN B 114 -28.77 -11.70 -25.06
N LEU B 115 -28.56 -10.49 -24.58
CA LEU B 115 -28.30 -10.33 -23.17
C LEU B 115 -29.55 -10.63 -22.32
N LEU B 116 -30.71 -10.16 -22.74
CA LEU B 116 -31.95 -10.54 -22.04
C LEU B 116 -32.19 -12.06 -22.03
N GLU B 117 -31.94 -12.75 -23.14
CA GLU B 117 -32.10 -14.22 -23.15
C GLU B 117 -31.07 -14.90 -22.25
N LEU B 118 -29.88 -14.34 -22.19
CA LEU B 118 -28.83 -14.92 -21.36
C LEU B 118 -29.23 -14.88 -19.88
N TYR B 119 -29.83 -13.76 -19.49
CA TYR B 119 -30.40 -13.61 -18.15
C TYR B 119 -31.73 -14.35 -17.89
N GLY B 120 -32.28 -15.01 -18.92
CA GLY B 120 -33.48 -15.84 -18.76
C GLY B 120 -34.79 -15.06 -18.77
N ALA B 121 -34.78 -13.86 -19.34
CA ALA B 121 -36.02 -13.08 -19.49
C ALA B 121 -36.83 -13.64 -20.64
N GLN B 122 -38.15 -13.66 -20.49
CA GLN B 122 -39.01 -13.88 -21.64
C GLN B 122 -39.21 -12.54 -22.34
N ILE B 123 -39.13 -12.55 -23.68
CA ILE B 123 -39.25 -11.34 -24.46
C ILE B 123 -40.41 -11.48 -25.47
N ILE B 124 -41.31 -10.52 -25.44
CA ILE B 124 -42.36 -10.40 -26.43
C ILE B 124 -42.01 -9.22 -27.32
N PHE B 125 -41.80 -9.47 -28.60
CA PHE B 125 -41.38 -8.42 -29.51
C PHE B 125 -42.58 -7.70 -30.14
N SER B 126 -42.86 -6.50 -29.65
CA SER B 126 -43.96 -5.71 -30.17
C SER B 126 -43.62 -5.13 -31.52
N ALA B 127 -44.64 -4.71 -32.25
CA ALA B 127 -44.47 -4.22 -33.63
C ALA B 127 -43.61 -2.97 -33.61
N ALA B 128 -42.69 -2.86 -34.57
CA ALA B 128 -41.83 -1.70 -34.69
C ALA B 128 -42.63 -0.41 -34.75
N GLU B 129 -43.74 -0.43 -35.46
CA GLU B 129 -44.52 0.78 -35.71
C GLU B 129 -45.18 1.26 -34.41
N GLY B 130 -45.00 2.53 -34.08
CA GLY B 130 -45.44 3.11 -32.81
C GLY B 130 -44.43 2.94 -31.67
N GLY B 131 -43.31 2.29 -31.97
CA GLY B 131 -42.19 2.09 -31.05
C GLY B 131 -42.57 1.80 -29.60
N SER B 132 -42.08 2.64 -28.71
CA SER B 132 -42.22 2.39 -27.28
C SER B 132 -43.67 2.55 -26.83
N ASN B 133 -44.44 3.39 -27.51
CA ASN B 133 -45.88 3.46 -27.27
C ASN B 133 -46.56 2.11 -27.43
N THR B 134 -46.16 1.39 -28.47
CA THR B 134 -46.77 0.09 -28.78
C THR B 134 -46.34 -0.94 -27.73
N ALA B 135 -45.07 -0.86 -27.31
CA ALA B 135 -44.54 -1.72 -26.26
C ALA B 135 -45.28 -1.54 -24.97
N VAL B 136 -45.52 -0.27 -24.60
CA VAL B 136 -46.21 0.05 -23.36
C VAL B 136 -47.67 -0.41 -23.42
N ALA B 137 -48.33 -0.15 -24.53
CA ALA B 137 -49.73 -0.55 -24.70
C ALA B 137 -49.83 -2.08 -24.68
N THR B 138 -48.87 -2.74 -25.33
CA THR B 138 -48.82 -4.19 -25.31
C THR B 138 -48.67 -4.73 -23.88
N ALA B 139 -47.73 -4.18 -23.12
CA ALA B 139 -47.55 -4.61 -21.72
C ALA B 139 -48.79 -4.39 -20.85
N LYS B 140 -49.50 -3.29 -21.04
CA LYS B 140 -50.78 -3.04 -20.35
C LYS B 140 -51.82 -4.11 -20.72
N GLU B 141 -51.86 -4.51 -21.99
CA GLU B 141 -52.79 -5.55 -22.42
C GLU B 141 -52.43 -6.89 -21.76
N LEU B 142 -51.12 -7.20 -21.68
CA LEU B 142 -50.66 -8.41 -20.99
C LEU B 142 -50.90 -8.34 -19.48
N ALA B 143 -50.74 -7.18 -18.87
CA ALA B 143 -50.98 -7.04 -17.43
C ALA B 143 -52.43 -7.35 -17.13
N ALA B 144 -53.33 -6.91 -18.02
CA ALA B 144 -54.78 -7.13 -17.87
C ALA B 144 -55.20 -8.59 -18.12
N THR B 145 -54.44 -9.32 -18.94
CA THR B 145 -54.80 -10.72 -19.20
C THR B 145 -54.36 -11.60 -18.03
N ASN B 146 -53.39 -11.11 -17.26
CA ASN B 146 -52.84 -11.86 -16.13
C ASN B 146 -52.41 -10.96 -14.95
N PRO B 147 -53.36 -10.61 -14.06
CA PRO B 147 -53.08 -9.70 -12.94
C PRO B 147 -52.11 -10.22 -11.88
N SER B 148 -51.71 -11.48 -11.95
CA SER B 148 -50.65 -11.95 -11.05
C SER B 148 -49.30 -11.34 -11.43
N TRP B 149 -49.11 -10.99 -12.70
CA TRP B 149 -47.86 -10.37 -13.16
C TRP B 149 -47.74 -8.96 -12.59
N VAL B 150 -46.52 -8.60 -12.20
CA VAL B 150 -46.26 -7.35 -11.53
C VAL B 150 -45.53 -6.42 -12.46
N MET B 151 -46.20 -5.34 -12.84
CA MET B 151 -45.60 -4.32 -13.70
C MET B 151 -45.21 -3.14 -12.83
N LEU B 152 -43.90 -2.85 -12.78
CA LEU B 152 -43.37 -1.77 -11.96
C LEU B 152 -43.65 -0.43 -12.58
N TYR B 153 -43.69 -0.40 -13.90
CA TYR B 153 -44.05 0.76 -14.72
C TYR B 153 -43.06 1.93 -14.62
N GLN B 154 -41.99 1.83 -15.40
CA GLN B 154 -40.87 2.75 -15.28
C GLN B 154 -41.20 4.17 -15.71
N TYR B 155 -42.23 4.34 -16.52
CA TYR B 155 -42.63 5.66 -16.97
C TYR B 155 -43.51 6.43 -15.95
N GLY B 156 -43.96 5.73 -14.91
CA GLY B 156 -44.80 6.35 -13.88
C GLY B 156 -44.43 6.06 -12.44
N ASN B 157 -43.40 5.25 -12.23
CA ASN B 157 -43.03 4.86 -10.87
C ASN B 157 -42.10 5.88 -10.21
N PRO B 158 -42.52 6.48 -9.08
CA PRO B 158 -41.71 7.54 -8.47
C PRO B 158 -40.37 7.06 -7.95
N ALA B 159 -40.24 5.76 -7.66
CA ALA B 159 -38.96 5.18 -7.26
C ALA B 159 -37.86 5.34 -8.34
N ASN B 160 -38.26 5.48 -9.60
CA ASN B 160 -37.35 5.81 -10.70
C ASN B 160 -36.72 7.15 -10.47
N THR B 161 -37.57 8.16 -10.38
CA THR B 161 -37.17 9.52 -10.06
C THR B 161 -36.42 9.60 -8.75
N ASP B 162 -36.89 8.87 -7.75
CA ASP B 162 -36.22 8.90 -6.44
C ASP B 162 -34.78 8.36 -6.49
N SER B 163 -34.50 7.40 -7.38
CA SER B 163 -33.14 6.85 -7.47
C SER B 163 -32.15 7.93 -7.90
N HIS B 164 -32.62 8.88 -8.72
CA HIS B 164 -31.76 9.97 -9.17
C HIS B 164 -31.70 11.13 -8.16
N TYR B 165 -32.83 11.41 -7.51
CA TYR B 165 -32.92 12.36 -6.40
C TYR B 165 -31.98 11.99 -5.25
N CYS B 166 -31.94 10.70 -4.89
CA CYS B 166 -31.11 10.22 -3.80
C CYS B 166 -29.71 9.77 -4.24
N GLY B 167 -29.45 9.67 -5.54
CA GLY B 167 -28.21 9.05 -6.02
C GLY B 167 -27.51 10.02 -6.92
N THR B 168 -27.96 10.05 -8.17
CA THR B 168 -27.29 10.77 -9.24
C THR B 168 -27.05 12.25 -8.87
N GLY B 169 -28.09 12.92 -8.38
CA GLY B 169 -27.99 14.35 -8.00
C GLY B 169 -27.03 14.66 -6.86
N PRO B 170 -27.19 13.97 -5.73
CA PRO B 170 -26.24 14.14 -4.65
C PRO B 170 -24.82 13.82 -5.07
N GLU B 171 -24.62 12.79 -5.90
CA GLU B 171 -23.27 12.47 -6.36
C GLU B 171 -22.71 13.61 -7.19
N LEU B 172 -23.55 14.23 -8.01
CA LEU B 172 -23.10 15.36 -8.84
C LEU B 172 -22.68 16.58 -8.01
N LEU B 173 -23.51 16.94 -7.05
CA LEU B 173 -23.21 18.10 -6.21
C LEU B 173 -21.93 17.88 -5.41
N ALA B 174 -21.71 16.66 -4.91
CA ALA B 174 -20.48 16.36 -4.20
C ALA B 174 -19.25 16.50 -5.09
N ASP B 175 -19.33 15.99 -6.33
CA ASP B 175 -18.17 15.99 -7.18
C ASP B 175 -18.01 17.33 -7.87
N LEU B 176 -19.12 18.03 -8.10
CA LEU B 176 -19.12 19.24 -8.90
C LEU B 176 -20.00 20.33 -8.27
N PRO B 177 -19.59 20.82 -7.08
CA PRO B 177 -20.37 21.87 -6.41
C PRO B 177 -20.50 23.11 -7.27
N GLU B 178 -19.55 23.36 -8.18
CA GLU B 178 -19.64 24.52 -9.06
C GLU B 178 -20.58 24.33 -10.27
N ILE B 179 -21.33 23.23 -10.29
CA ILE B 179 -22.17 22.89 -11.45
C ILE B 179 -23.06 24.06 -11.85
N THR B 180 -23.07 24.41 -13.15
CA THR B 180 -24.01 25.39 -13.72
C THR B 180 -25.11 24.77 -14.57
N HIS B 181 -24.84 23.61 -15.18
CA HIS B 181 -25.80 22.94 -16.04
C HIS B 181 -25.73 21.43 -15.84
N PHE B 182 -26.89 20.78 -16.01
CA PHE B 182 -27.00 19.34 -16.08
C PHE B 182 -27.73 18.97 -17.37
N VAL B 183 -27.12 18.08 -18.14
CA VAL B 183 -27.66 17.65 -19.44
C VAL B 183 -27.81 16.14 -19.49
N ALA B 184 -28.98 15.68 -19.88
CA ALA B 184 -29.23 14.24 -19.97
C ALA B 184 -30.36 13.98 -20.95
N GLY B 185 -30.48 12.74 -21.39
CA GLY B 185 -31.52 12.32 -22.31
C GLY B 185 -32.87 12.29 -21.61
N LEU B 186 -33.94 12.49 -22.38
CA LEU B 186 -35.30 12.51 -21.84
C LEU B 186 -36.05 11.31 -22.37
N GLY B 187 -36.25 10.30 -21.51
CA GLY B 187 -36.91 9.06 -21.89
C GLY B 187 -38.06 8.78 -20.94
N THR B 188 -37.81 8.02 -19.87
CA THR B 188 -38.80 7.93 -18.78
C THR B 188 -39.00 9.27 -18.06
N THR B 189 -37.94 10.10 -18.12
CA THR B 189 -37.80 11.41 -17.48
C THR B 189 -37.23 11.33 -16.07
N GLY B 190 -37.04 10.12 -15.55
CA GLY B 190 -36.51 9.95 -14.19
C GLY B 190 -35.18 10.66 -13.92
N THR B 191 -34.21 10.50 -14.82
CA THR B 191 -32.90 11.11 -14.64
C THR B 191 -33.03 12.61 -14.49
N LEU B 192 -33.66 13.26 -15.45
CA LEU B 192 -33.80 14.72 -15.40
C LEU B 192 -34.73 15.17 -14.25
N MET B 193 -35.84 14.49 -14.02
CA MET B 193 -36.76 14.90 -12.97
C MET B 193 -36.13 14.78 -11.59
N GLY B 194 -35.58 13.61 -11.27
CA GLY B 194 -34.93 13.38 -9.98
C GLY B 194 -33.66 14.15 -9.74
N THR B 195 -32.71 14.05 -10.68
CA THR B 195 -31.46 14.79 -10.57
C THR B 195 -31.73 16.31 -10.57
N GLY B 196 -32.64 16.74 -11.44
CA GLY B 196 -32.96 18.14 -11.59
C GLY B 196 -33.62 18.72 -10.34
N ARG B 197 -34.61 18.02 -9.77
CA ARG B 197 -35.23 18.48 -8.55
C ARG B 197 -34.18 18.64 -7.46
N PHE B 198 -33.31 17.66 -7.28
CA PHE B 198 -32.28 17.74 -6.25
C PHE B 198 -31.34 18.93 -6.46
N LEU B 199 -30.83 19.09 -7.68
CA LEU B 199 -29.92 20.16 -8.02
C LEU B 199 -30.53 21.56 -7.89
N ARG B 200 -31.81 21.72 -8.23
CA ARG B 200 -32.48 23.01 -8.08
C ARG B 200 -32.67 23.38 -6.60
N GLU B 201 -32.75 22.39 -5.71
CA GLU B 201 -32.87 22.66 -4.28
C GLU B 201 -31.55 23.13 -3.65
N HIS B 202 -30.43 22.88 -4.31
CA HIS B 202 -29.11 23.19 -3.75
C HIS B 202 -28.29 24.18 -4.52
N VAL B 203 -28.61 24.40 -5.80
CA VAL B 203 -27.73 25.15 -6.66
C VAL B 203 -28.56 26.24 -7.33
N ALA B 204 -28.22 27.49 -7.02
CA ALA B 204 -29.13 28.61 -7.22
C ALA B 204 -29.74 28.74 -8.63
N ASN B 205 -28.94 29.10 -9.63
CA ASN B 205 -29.48 29.30 -10.97
C ASN B 205 -29.13 28.13 -11.91
N VAL B 206 -29.15 26.90 -11.40
CA VAL B 206 -28.74 25.74 -12.20
C VAL B 206 -29.68 25.53 -13.39
N LYS B 207 -29.13 25.21 -14.56
CA LYS B 207 -29.90 24.90 -15.77
C LYS B 207 -30.01 23.38 -15.95
N ILE B 208 -31.23 22.90 -16.21
CA ILE B 208 -31.51 21.49 -16.48
C ILE B 208 -31.92 21.39 -17.94
N VAL B 209 -31.11 20.72 -18.74
CA VAL B 209 -31.30 20.64 -20.21
C VAL B 209 -31.55 19.21 -20.69
N ALA B 210 -32.69 19.00 -21.35
CA ALA B 210 -33.06 17.70 -21.91
C ALA B 210 -32.58 17.56 -23.37
N ALA B 211 -32.07 16.38 -23.71
CA ALA B 211 -31.85 16.02 -25.10
C ALA B 211 -32.91 15.00 -25.43
N GLU B 212 -33.56 15.13 -26.58
CA GLU B 212 -34.58 14.15 -27.00
C GLU B 212 -34.46 13.84 -28.48
N PRO B 213 -34.90 12.64 -28.92
CA PRO B 213 -34.76 12.32 -30.36
C PRO B 213 -35.62 13.22 -31.25
N ARG B 214 -35.15 13.55 -32.45
CA ARG B 214 -35.95 14.37 -33.34
C ARG B 214 -37.22 13.64 -33.78
N GLY B 228 -47.25 10.09 -29.45
CA GLY B 228 -46.71 10.88 -28.33
C GLY B 228 -46.52 10.09 -27.04
N PHE B 229 -47.51 10.15 -26.15
CA PHE B 229 -47.44 9.55 -24.79
C PHE B 229 -46.45 10.31 -23.88
N VAL B 230 -46.98 11.12 -22.96
CA VAL B 230 -46.16 11.83 -21.97
C VAL B 230 -45.98 10.96 -20.72
N PRO B 231 -44.74 10.63 -20.39
CA PRO B 231 -44.56 9.85 -19.16
C PRO B 231 -45.21 10.55 -17.95
N GLU B 232 -45.82 9.77 -17.07
CA GLU B 232 -46.46 10.30 -15.83
C GLU B 232 -45.43 10.94 -14.87
N LEU B 233 -44.18 10.50 -14.94
CA LEU B 233 -43.10 11.09 -14.14
C LEU B 233 -42.76 12.53 -14.54
N TYR B 234 -43.16 12.93 -15.75
CA TYR B 234 -42.73 14.21 -16.29
C TYR B 234 -43.33 15.42 -15.57
N ASP B 235 -42.45 16.29 -15.07
CA ASP B 235 -42.83 17.55 -14.44
C ASP B 235 -42.19 18.66 -15.28
N PRO B 236 -43.00 19.38 -16.09
CA PRO B 236 -42.43 20.37 -17.02
C PRO B 236 -41.73 21.56 -16.35
N GLU B 237 -42.01 21.79 -15.07
CA GLU B 237 -41.35 22.88 -14.37
C GLU B 237 -39.86 22.59 -14.10
N ILE B 238 -39.44 21.33 -14.19
CA ILE B 238 -38.06 20.99 -13.83
C ILE B 238 -37.04 21.41 -14.89
N LEU B 239 -37.42 21.39 -16.16
CA LEU B 239 -36.48 21.65 -17.24
C LEU B 239 -36.33 23.15 -17.54
N THR B 240 -35.10 23.58 -17.84
CA THR B 240 -34.83 24.89 -18.40
C THR B 240 -35.12 24.90 -19.90
N ALA B 241 -34.70 23.83 -20.58
CA ALA B 241 -34.86 23.72 -22.03
C ALA B 241 -34.77 22.27 -22.53
N ARG B 242 -35.27 22.06 -23.74
CA ARG B 242 -35.23 20.76 -24.45
C ARG B 242 -34.59 20.95 -25.83
N TYR B 243 -33.60 20.13 -26.18
CA TYR B 243 -33.01 20.07 -27.53
C TYR B 243 -33.50 18.80 -28.24
N SER B 244 -33.91 18.92 -29.49
CA SER B 244 -34.17 17.78 -30.35
C SER B 244 -32.92 17.49 -31.14
N VAL B 245 -32.47 16.25 -31.16
CA VAL B 245 -31.23 15.90 -31.84
C VAL B 245 -31.51 14.82 -32.85
N GLY B 246 -31.07 15.03 -34.10
CA GLY B 246 -31.27 14.04 -35.15
C GLY B 246 -30.25 12.94 -35.03
N ALA B 247 -30.57 11.78 -35.57
CA ALA B 247 -29.70 10.62 -35.49
C ALA B 247 -28.29 10.88 -36.03
N VAL B 248 -28.15 11.72 -37.05
CA VAL B 248 -26.83 11.94 -37.67
C VAL B 248 -25.92 12.73 -36.72
N ASP B 249 -26.44 13.77 -36.10
CA ASP B 249 -25.66 14.50 -35.10
C ASP B 249 -25.32 13.64 -33.88
N ALA B 250 -26.25 12.80 -33.44
CA ALA B 250 -25.99 11.89 -32.30
C ALA B 250 -24.85 10.90 -32.62
N VAL B 251 -24.86 10.34 -33.82
CA VAL B 251 -23.80 9.43 -34.28
C VAL B 251 -22.52 10.18 -34.37
N ARG B 252 -22.58 11.38 -34.96
CA ARG B 252 -21.38 12.18 -35.11
C ARG B 252 -20.71 12.49 -33.74
N ARG B 253 -21.51 12.90 -32.77
CA ARG B 253 -20.97 13.26 -31.45
C ARG B 253 -20.48 12.01 -30.68
N THR B 254 -21.18 10.90 -30.83
CA THR B 254 -20.74 9.66 -30.20
C THR B 254 -19.33 9.29 -30.68
N ARG B 255 -19.13 9.30 -31.99
CA ARG B 255 -17.83 9.03 -32.59
C ARG B 255 -16.78 10.03 -32.15
N GLU B 256 -17.19 11.30 -32.13
CA GLU B 256 -16.30 12.36 -31.71
C GLU B 256 -15.84 12.14 -30.25
N LEU B 257 -16.72 11.63 -29.38
CA LEU B 257 -16.37 11.44 -27.95
C LEU B 257 -15.31 10.36 -27.79
N VAL B 258 -15.45 9.28 -28.49
CA VAL B 258 -14.45 8.23 -28.41
C VAL B 258 -13.09 8.66 -29.02
N HIS B 259 -13.13 9.40 -30.13
CA HIS B 259 -11.90 9.91 -30.79
C HIS B 259 -11.08 10.88 -29.92
N THR B 260 -11.77 11.79 -29.24
CA THR B 260 -11.13 12.88 -28.54
C THR B 260 -10.91 12.61 -27.06
N GLU B 261 -11.81 11.84 -26.44
CA GLU B 261 -11.74 11.59 -24.99
C GLU B 261 -11.66 10.11 -24.62
N GLY B 262 -11.71 9.22 -25.61
CA GLY B 262 -11.55 7.78 -25.39
C GLY B 262 -12.74 7.03 -24.82
N ILE B 263 -13.85 7.72 -24.59
CA ILE B 263 -15.05 7.14 -23.96
C ILE B 263 -15.95 6.51 -25.03
N PHE B 264 -16.15 5.21 -24.90
CA PHE B 264 -16.91 4.41 -25.84
C PHE B 264 -18.35 4.35 -25.32
N ALA B 265 -19.18 5.26 -25.82
CA ALA B 265 -20.51 5.46 -25.24
C ALA B 265 -21.58 5.01 -26.23
N GLY B 266 -22.80 4.85 -25.74
CA GLY B 266 -23.95 4.53 -26.60
C GLY B 266 -24.44 5.76 -27.33
N ILE B 267 -25.50 5.57 -28.11
CA ILE B 267 -25.98 6.62 -29.01
C ILE B 267 -26.59 7.82 -28.29
N SER B 268 -27.26 7.60 -27.17
CA SER B 268 -27.92 8.67 -26.43
C SER B 268 -26.89 9.64 -25.89
N THR B 269 -25.67 9.15 -25.65
CA THR B 269 -24.61 10.02 -25.15
C THR B 269 -24.21 11.04 -26.21
N GLY B 270 -24.22 10.62 -27.47
CA GLY B 270 -23.95 11.53 -28.58
C GLY B 270 -24.97 12.68 -28.66
N ALA B 271 -26.22 12.35 -28.48
CA ALA B 271 -27.28 13.36 -28.50
C ALA B 271 -27.13 14.30 -27.31
N VAL B 272 -26.83 13.74 -26.15
CA VAL B 272 -26.61 14.53 -24.94
C VAL B 272 -25.41 15.43 -25.14
N LEU B 273 -24.35 14.86 -25.69
CA LEU B 273 -23.18 15.64 -26.00
C LEU B 273 -23.48 16.76 -26.99
N HIS B 274 -24.26 16.47 -28.01
CA HIS B 274 -24.64 17.51 -28.97
C HIS B 274 -25.31 18.68 -28.27
N ALA B 275 -26.21 18.38 -27.34
CA ALA B 275 -26.90 19.41 -26.58
C ALA B 275 -25.95 20.15 -25.70
N ALA B 276 -25.06 19.41 -25.03
CA ALA B 276 -24.13 20.02 -24.09
C ALA B 276 -23.14 20.95 -24.78
N LEU B 277 -22.73 20.61 -25.99
CA LEU B 277 -21.79 21.46 -26.76
C LEU B 277 -22.52 22.73 -27.24
N GLY B 278 -23.82 22.63 -27.46
CA GLY B 278 -24.64 23.79 -27.84
C GLY B 278 -24.75 24.75 -26.69
N VAL B 279 -25.13 24.22 -25.53
CA VAL B 279 -25.13 24.98 -24.29
C VAL B 279 -23.76 25.58 -24.06
N GLY B 280 -22.72 24.75 -24.18
CA GLY B 280 -21.33 25.20 -24.09
C GLY B 280 -20.92 26.32 -25.05
N ALA B 281 -21.31 26.21 -26.32
CA ALA B 281 -20.98 27.25 -27.31
C ALA B 281 -21.66 28.55 -26.95
N GLY B 282 -22.90 28.46 -26.47
CA GLY B 282 -23.66 29.62 -26.00
C GLY B 282 -23.00 30.33 -24.84
N ALA B 283 -22.56 29.58 -23.83
CA ALA B 283 -21.85 30.19 -22.72
C ALA B 283 -20.55 30.88 -23.18
N LEU B 284 -19.80 30.21 -24.04
CA LEU B 284 -18.52 30.73 -24.54
C LEU B 284 -18.69 32.04 -25.30
N ALA B 285 -19.69 32.08 -26.18
CA ALA B 285 -19.98 33.28 -26.96
C ALA B 285 -20.45 34.44 -26.09
N ALA B 286 -21.00 34.14 -24.91
CA ALA B 286 -21.47 35.17 -23.97
C ALA B 286 -20.48 35.49 -22.91
N GLY B 287 -19.28 34.93 -22.97
CA GLY B 287 -18.28 35.19 -21.92
C GLY B 287 -18.69 34.73 -20.55
N GLU B 288 -19.48 33.65 -20.48
CA GLU B 288 -19.95 33.17 -19.19
C GLU B 288 -19.23 31.87 -18.81
N ARG B 289 -18.85 31.78 -17.54
CA ARG B 289 -18.30 30.57 -16.99
C ARG B 289 -19.38 29.47 -17.00
N ALA B 290 -18.98 28.24 -17.30
CA ALA B 290 -19.90 27.12 -17.24
C ALA B 290 -19.20 25.84 -16.82
N ASP B 291 -19.91 25.06 -16.02
CA ASP B 291 -19.52 23.71 -15.67
C ASP B 291 -20.72 22.80 -15.91
N ILE B 292 -20.67 22.13 -17.03
CA ILE B 292 -21.78 21.38 -17.57
C ILE B 292 -21.56 19.87 -17.36
N ALA B 293 -22.35 19.28 -16.48
CA ALA B 293 -22.34 17.84 -16.25
C ALA B 293 -23.27 17.20 -17.29
N LEU B 294 -22.85 16.08 -17.85
CA LEU B 294 -23.65 15.38 -18.84
C LEU B 294 -23.59 13.89 -18.58
N VAL B 295 -24.71 13.20 -18.78
CA VAL B 295 -24.79 11.77 -18.54
C VAL B 295 -24.30 10.92 -19.74
N VAL B 296 -23.36 10.01 -19.46
CA VAL B 296 -23.05 8.86 -20.34
C VAL B 296 -23.83 7.66 -19.82
N ALA B 297 -24.99 7.41 -20.41
CA ALA B 297 -25.97 6.53 -19.84
C ALA B 297 -25.64 5.08 -20.04
N ASP B 298 -24.94 4.77 -21.13
CA ASP B 298 -24.44 3.42 -21.37
C ASP B 298 -23.26 3.43 -22.33
N ALA B 299 -22.60 2.30 -22.47
CA ALA B 299 -21.43 2.19 -23.32
C ALA B 299 -21.83 1.81 -24.73
N GLY B 300 -20.86 1.80 -25.65
CA GLY B 300 -21.12 1.49 -27.06
C GLY B 300 -21.41 0.03 -27.38
N TRP B 301 -21.20 -0.87 -26.42
CA TRP B 301 -21.20 -2.31 -26.74
C TRP B 301 -22.48 -2.81 -27.41
N LYS B 302 -23.63 -2.40 -26.88
CA LYS B 302 -24.92 -2.88 -27.41
C LYS B 302 -25.34 -2.23 -28.71
N TYR B 303 -24.53 -1.31 -29.26
CA TYR B 303 -24.82 -0.61 -30.50
C TYR B 303 -23.88 -0.97 -31.65
N LEU B 304 -22.91 -1.86 -31.41
CA LEU B 304 -21.94 -2.19 -32.46
C LEU B 304 -22.60 -2.70 -33.74
N SER B 305 -23.59 -3.57 -33.58
CA SER B 305 -24.30 -4.17 -34.71
C SER B 305 -25.06 -3.15 -35.56
N THR B 306 -25.17 -1.90 -35.11
CA THR B 306 -25.88 -0.89 -35.87
C THR B 306 -25.02 -0.30 -36.97
N GLY B 307 -23.71 -0.56 -36.96
CA GLY B 307 -22.80 0.07 -37.91
C GLY B 307 -22.44 1.52 -37.59
N ALA B 308 -23.06 2.11 -36.57
CA ALA B 308 -22.84 3.53 -36.26
C ALA B 308 -21.38 3.85 -35.92
N TYR B 309 -20.63 2.87 -35.44
CA TYR B 309 -19.23 3.08 -35.12
C TYR B 309 -18.26 2.70 -36.26
N ALA B 310 -18.78 2.40 -37.45
CA ALA B 310 -17.95 1.96 -38.57
C ALA B 310 -17.28 3.12 -39.28
N ARG C 6 6.42 -6.36 5.07
CA ARG C 6 5.97 -6.34 6.51
C ARG C 6 6.06 -7.70 7.19
N TYR C 7 6.06 -7.68 8.53
CA TYR C 7 6.41 -8.82 9.36
C TYR C 7 5.31 -9.08 10.39
N ASP C 8 5.24 -10.30 10.90
CA ASP C 8 4.31 -10.57 12.01
C ASP C 8 5.03 -11.09 13.29
N SER C 9 6.35 -10.92 13.31
CA SER C 9 7.16 -11.16 14.49
C SER C 9 8.46 -10.34 14.36
N LEU C 10 8.93 -9.81 15.48
CA LEU C 10 10.18 -9.06 15.48
C LEU C 10 11.37 -9.90 14.97
N LEU C 11 11.32 -11.21 15.16
CA LEU C 11 12.35 -12.12 14.70
C LEU C 11 12.60 -12.05 13.21
N GLN C 12 11.56 -11.75 12.45
CA GLN C 12 11.70 -11.60 11.02
C GLN C 12 12.33 -10.29 10.59
N ALA C 13 12.26 -9.26 11.44
CA ALA C 13 12.82 -7.94 11.10
C ALA C 13 14.28 -7.82 11.50
N LEU C 14 15.09 -8.77 11.02
CA LEU C 14 16.51 -8.83 11.26
C LEU C 14 17.22 -9.01 9.95
N GLY C 15 18.48 -8.61 9.90
CA GLY C 15 19.25 -8.68 8.66
C GLY C 15 18.75 -7.61 7.72
N ASN C 16 19.18 -7.72 6.46
CA ASN C 16 18.97 -6.68 5.45
C ASN C 16 19.29 -5.28 5.97
N THR C 17 20.43 -5.20 6.64
CA THR C 17 20.93 -3.98 7.22
C THR C 17 21.52 -3.07 6.15
N PRO C 18 21.44 -1.76 6.38
CA PRO C 18 21.99 -0.80 5.44
C PRO C 18 23.52 -0.78 5.36
N LEU C 19 24.02 -0.44 4.16
CA LEU C 19 25.43 -0.27 3.91
C LEU C 19 25.65 1.19 3.54
N VAL C 20 26.59 1.80 4.22
CA VAL C 20 26.76 3.23 4.16
C VAL C 20 28.20 3.56 3.85
N GLY C 21 28.38 4.33 2.78
CA GLY C 21 29.71 4.74 2.34
C GLY C 21 30.18 5.85 3.24
N LEU C 22 31.42 5.74 3.68
CA LEU C 22 32.01 6.74 4.56
C LEU C 22 32.82 7.72 3.70
N GLN C 23 32.13 8.71 3.14
CA GLN C 23 32.76 9.65 2.18
C GLN C 23 33.90 10.49 2.75
N ARG C 24 33.83 10.82 4.03
CA ARG C 24 34.84 11.68 4.65
C ARG C 24 36.00 10.88 5.20
N LEU C 25 35.72 9.66 5.67
CA LEU C 25 36.71 8.83 6.33
C LEU C 25 37.43 7.94 5.31
N SER C 26 36.83 7.72 4.16
CA SER C 26 37.48 6.94 3.11
C SER C 26 38.76 7.62 2.66
N PRO C 27 39.88 6.86 2.56
CA PRO C 27 41.16 7.35 2.03
C PRO C 27 41.03 8.17 0.74
N ARG C 28 40.21 7.72 -0.20
CA ARG C 28 39.83 8.54 -1.35
C ARG C 28 38.50 8.10 -1.93
N TRP C 29 37.48 8.94 -1.83
CA TRP C 29 36.14 8.56 -2.28
C TRP C 29 35.98 8.60 -3.80
N ASP C 30 36.45 9.67 -4.44
CA ASP C 30 36.24 9.87 -5.88
C ASP C 30 37.43 9.42 -6.74
N ASP C 31 37.33 9.62 -8.06
CA ASP C 31 38.44 9.36 -8.98
C ASP C 31 38.75 10.62 -9.80
N HIS C 37 39.74 4.82 -6.73
CA HIS C 37 39.33 5.24 -5.39
C HIS C 37 39.67 4.22 -4.33
N VAL C 38 39.61 4.64 -3.08
CA VAL C 38 39.71 3.74 -1.93
C VAL C 38 38.54 4.04 -0.99
N ARG C 39 37.57 3.13 -0.96
CA ARG C 39 36.28 3.37 -0.29
C ARG C 39 36.04 2.49 0.93
N LEU C 40 35.54 3.13 1.99
CA LEU C 40 35.06 2.44 3.18
C LEU C 40 33.53 2.41 3.16
N TRP C 41 32.97 1.21 3.41
CA TRP C 41 31.51 1.01 3.52
C TRP C 41 31.15 0.30 4.83
N ALA C 42 30.32 0.96 5.64
CA ALA C 42 29.91 0.44 6.94
C ALA C 42 28.59 -0.32 6.84
N LYS C 43 28.55 -1.56 7.31
CA LYS C 43 27.32 -2.35 7.40
C LYS C 43 26.74 -2.25 8.82
N LEU C 44 25.57 -1.62 8.94
CA LEU C 44 25.03 -1.21 10.23
C LEU C 44 24.26 -2.35 10.87
N GLU C 45 24.97 -3.24 11.55
CA GLU C 45 24.33 -4.36 12.21
C GLU C 45 23.63 -4.00 13.53
N ASP C 46 23.63 -2.72 13.87
CA ASP C 46 22.79 -2.25 14.99
C ASP C 46 21.34 -2.04 14.62
N ARG C 47 21.03 -2.11 13.32
CA ARG C 47 19.64 -2.10 12.84
C ARG C 47 19.06 -3.50 12.86
N ASN C 48 19.04 -4.11 14.03
CA ASN C 48 18.61 -5.49 14.23
C ASN C 48 17.78 -5.44 15.52
N PRO C 49 16.92 -6.45 15.76
CA PRO C 49 15.98 -6.41 16.87
C PRO C 49 16.54 -5.92 18.23
N THR C 50 17.72 -6.42 18.65
CA THR C 50 18.28 -6.05 19.96
C THR C 50 19.49 -5.13 19.84
N GLY C 51 19.77 -4.70 18.62
CA GLY C 51 20.78 -3.69 18.41
C GLY C 51 22.18 -4.26 18.19
N SER C 52 22.30 -5.56 17.91
CA SER C 52 23.61 -6.11 17.53
C SER C 52 23.54 -7.20 16.49
N ILE C 53 24.71 -7.49 15.94
CA ILE C 53 24.89 -8.50 14.88
C ILE C 53 24.52 -9.88 15.38
N LYS C 54 24.60 -10.06 16.70
CA LYS C 54 24.31 -11.36 17.32
C LYS C 54 22.89 -11.84 17.12
N ASP C 55 21.96 -10.95 16.76
CA ASP C 55 20.60 -11.42 16.40
C ASP C 55 20.60 -12.49 15.27
N ARG C 56 21.52 -12.35 14.32
CA ARG C 56 21.64 -13.32 13.20
C ARG C 56 21.97 -14.73 13.68
N PRO C 57 23.09 -14.93 14.38
CA PRO C 57 23.37 -16.28 14.87
C PRO C 57 22.45 -16.78 15.98
N ALA C 58 21.96 -15.88 16.82
CA ALA C 58 21.09 -16.30 17.91
C ALA C 58 19.81 -16.94 17.39
N VAL C 59 19.14 -16.24 16.48
CA VAL C 59 17.88 -16.76 15.90
C VAL C 59 18.13 -18.04 15.11
N ARG C 60 19.17 -18.05 14.29
CA ARG C 60 19.55 -19.22 13.48
C ARG C 60 19.86 -20.43 14.35
N MET C 61 20.67 -20.23 15.39
CA MET C 61 20.99 -21.34 16.29
C MET C 61 19.74 -21.91 16.95
N ILE C 62 18.82 -21.03 17.38
CA ILE C 62 17.58 -21.50 17.99
C ILE C 62 16.74 -22.31 16.97
N GLU C 63 16.58 -21.76 15.78
CA GLU C 63 15.79 -22.43 14.73
C GLU C 63 16.38 -23.76 14.29
N GLN C 64 17.69 -23.80 14.16
CA GLN C 64 18.37 -25.03 13.79
C GLN C 64 18.17 -26.06 14.89
N ALA C 65 18.28 -25.62 16.15
CA ALA C 65 18.03 -26.52 17.26
C ALA C 65 16.60 -27.04 17.26
N GLU C 66 15.66 -26.18 16.91
CA GLU C 66 14.24 -26.55 16.85
C GLU C 66 14.01 -27.63 15.79
N ALA C 67 14.52 -27.38 14.59
CA ALA C 67 14.51 -28.35 13.49
C ALA C 67 15.21 -29.67 13.87
N ASP C 68 16.34 -29.59 14.58
CA ASP C 68 17.04 -30.80 15.02
C ASP C 68 16.34 -31.51 16.18
N GLY C 69 15.17 -31.02 16.61
CA GLY C 69 14.37 -31.68 17.64
C GLY C 69 14.93 -31.59 19.05
N LEU C 70 15.84 -30.63 19.29
CA LEU C 70 16.53 -30.49 20.58
C LEU C 70 15.76 -29.59 21.56
N LEU C 71 15.02 -28.63 21.03
CA LEU C 71 14.20 -27.75 21.85
C LEU C 71 12.73 -28.16 21.83
N ARG C 72 12.22 -28.59 22.97
CA ARG C 72 10.80 -28.78 23.17
C ARG C 72 10.26 -27.49 23.80
N PRO C 73 8.94 -27.25 23.69
CA PRO C 73 8.44 -25.96 24.15
C PRO C 73 8.53 -25.80 25.66
N GLY C 74 8.85 -24.59 26.11
CA GLY C 74 9.10 -24.35 27.54
C GLY C 74 10.46 -24.84 28.03
N ALA C 75 11.34 -25.26 27.13
CA ALA C 75 12.65 -25.75 27.54
C ALA C 75 13.57 -24.59 27.99
N THR C 76 14.67 -24.95 28.65
CA THR C 76 15.64 -23.98 29.17
C THR C 76 16.92 -23.98 28.35
N ILE C 77 17.26 -22.81 27.86
CA ILE C 77 18.48 -22.57 27.13
C ILE C 77 19.55 -22.02 28.07
N LEU C 78 20.78 -22.48 27.90
CA LEU C 78 21.92 -22.10 28.70
C LEU C 78 23.02 -21.64 27.78
N GLU C 79 23.58 -20.46 28.02
CA GLU C 79 24.65 -19.95 27.18
C GLU C 79 25.62 -19.02 27.94
N PRO C 80 26.95 -19.25 27.78
CA PRO C 80 27.93 -18.29 28.25
C PRO C 80 28.01 -17.13 27.27
N THR C 81 28.11 -15.91 27.79
CA THR C 81 28.09 -14.73 26.95
C THR C 81 28.82 -13.60 27.62
N SER C 82 29.34 -12.68 26.82
CA SER C 82 29.80 -11.40 27.31
C SER C 82 28.71 -10.33 27.18
N GLY C 83 27.60 -10.64 26.53
CA GLY C 83 26.46 -9.71 26.55
C GLY C 83 25.53 -9.80 25.35
N ASN C 84 26.08 -9.51 24.17
CA ASN C 84 25.27 -9.42 22.98
C ASN C 84 24.50 -10.67 22.65
N THR C 85 25.20 -11.81 22.62
CA THR C 85 24.55 -13.05 22.31
C THR C 85 23.46 -13.38 23.34
N GLY C 86 23.75 -13.18 24.63
CA GLY C 86 22.73 -13.39 25.66
C GLY C 86 21.51 -12.51 25.45
N ILE C 87 21.76 -11.25 25.13
CA ILE C 87 20.66 -10.31 24.82
C ILE C 87 19.81 -10.82 23.65
N SER C 88 20.45 -11.18 22.53
CA SER C 88 19.75 -11.72 21.35
C SER C 88 18.93 -12.99 21.65
N LEU C 89 19.58 -13.95 22.33
CA LEU C 89 18.89 -15.15 22.79
C LEU C 89 17.78 -14.83 23.76
N ALA C 90 17.98 -13.85 24.64
CA ALA C 90 16.93 -13.55 25.60
C ALA C 90 15.69 -13.11 24.84
N MET C 91 15.85 -12.18 23.89
CA MET C 91 14.73 -11.69 23.07
C MET C 91 14.02 -12.82 22.29
N ALA C 92 14.79 -13.65 21.59
CA ALA C 92 14.23 -14.77 20.82
C ALA C 92 13.54 -15.81 21.71
N ALA C 93 14.19 -16.19 22.80
CA ALA C 93 13.64 -17.17 23.76
C ALA C 93 12.30 -16.71 24.31
N ARG C 94 12.19 -15.42 24.58
CA ARG C 94 10.92 -14.84 25.00
C ARG C 94 9.80 -14.99 23.96
N LEU C 95 10.12 -14.79 22.69
CA LEU C 95 9.13 -14.88 21.63
C LEU C 95 8.77 -16.34 21.35
N LYS C 96 9.74 -17.24 21.49
CA LYS C 96 9.53 -18.64 21.20
C LYS C 96 9.11 -19.52 22.39
N GLY C 97 8.94 -18.91 23.56
CA GLY C 97 8.47 -19.63 24.74
C GLY C 97 9.53 -20.42 25.51
N TYR C 98 10.79 -20.01 25.40
CA TYR C 98 11.88 -20.65 26.15
C TYR C 98 12.38 -19.82 27.32
N ARG C 99 12.97 -20.51 28.28
CA ARG C 99 13.60 -19.88 29.43
C ARG C 99 15.10 -19.79 29.09
N LEU C 100 15.77 -18.71 29.52
CA LEU C 100 17.20 -18.55 29.28
C LEU C 100 17.99 -18.30 30.55
N ILE C 101 19.09 -19.04 30.69
CA ILE C 101 20.07 -18.80 31.73
C ILE C 101 21.34 -18.42 31.02
N CYS C 102 21.83 -17.21 31.28
CA CYS C 102 23.11 -16.74 30.78
C CYS C 102 24.12 -16.77 31.89
N VAL C 103 25.34 -17.21 31.57
CA VAL C 103 26.48 -17.11 32.45
C VAL C 103 27.34 -15.99 31.91
N MET C 104 27.63 -14.99 32.70
CA MET C 104 28.43 -13.91 32.19
C MET C 104 29.28 -13.29 33.28
N PRO C 105 30.45 -12.76 32.92
CA PRO C 105 31.36 -12.24 33.93
C PRO C 105 30.76 -11.18 34.85
N GLU C 106 31.12 -11.26 36.11
CA GLU C 106 30.79 -10.29 37.16
C GLU C 106 30.97 -8.85 36.74
N ASN C 107 32.00 -8.58 35.97
CA ASN C 107 32.42 -7.19 35.71
C ASN C 107 31.94 -6.66 34.37
N THR C 108 30.72 -7.01 33.96
CA THR C 108 30.18 -6.52 32.68
C THR C 108 29.39 -5.24 32.91
N SER C 109 29.16 -4.46 31.86
CA SER C 109 28.49 -3.16 32.01
C SER C 109 27.10 -3.34 32.58
N VAL C 110 26.65 -2.35 33.36
CA VAL C 110 25.29 -2.32 33.89
C VAL C 110 24.23 -2.39 32.75
N GLU C 111 24.50 -1.78 31.59
CA GLU C 111 23.52 -1.77 30.49
C GLU C 111 23.24 -3.17 30.00
N ARG C 112 24.29 -3.98 29.88
CA ARG C 112 24.16 -5.40 29.53
C ARG C 112 23.28 -6.14 30.53
N ARG C 113 23.57 -5.96 31.81
CA ARG C 113 22.78 -6.57 32.85
C ARG C 113 21.32 -6.14 32.76
N GLN C 114 21.10 -4.85 32.61
CA GLN C 114 19.75 -4.32 32.54
C GLN C 114 18.96 -4.92 31.39
N LEU C 115 19.55 -4.99 30.21
CA LEU C 115 18.83 -5.58 29.09
C LEU C 115 18.52 -7.03 29.26
N LEU C 116 19.48 -7.81 29.74
CA LEU C 116 19.23 -9.23 29.92
C LEU C 116 18.06 -9.44 30.84
N GLU C 117 18.03 -8.73 31.95
CA GLU C 117 16.96 -8.89 32.92
C GLU C 117 15.64 -8.38 32.38
N LEU C 118 15.68 -7.29 31.62
CA LEU C 118 14.45 -6.76 31.06
C LEU C 118 13.75 -7.82 30.20
N TYR C 119 14.55 -8.51 29.38
CA TYR C 119 14.05 -9.60 28.54
C TYR C 119 13.74 -10.89 29.31
N GLY C 120 13.92 -10.90 30.62
CA GLY C 120 13.56 -12.05 31.43
C GLY C 120 14.62 -13.12 31.58
N ALA C 121 15.85 -12.89 31.10
CA ALA C 121 16.90 -13.90 31.26
C ALA C 121 17.34 -13.99 32.70
N GLN C 122 17.71 -15.19 33.15
CA GLN C 122 18.33 -15.33 34.48
C GLN C 122 19.82 -15.27 34.28
N ILE C 123 20.51 -14.55 35.15
CA ILE C 123 21.95 -14.37 35.03
C ILE C 123 22.73 -15.04 36.17
N ILE C 124 23.74 -15.80 35.78
CA ILE C 124 24.74 -16.30 36.71
C ILE C 124 25.99 -15.50 36.42
N PHE C 125 26.45 -14.73 37.41
CA PHE C 125 27.63 -13.92 37.22
C PHE C 125 28.88 -14.70 37.61
N SER C 126 29.62 -15.15 36.61
CA SER C 126 30.84 -15.92 36.85
C SER C 126 31.95 -14.99 37.37
N ALA C 127 32.93 -15.57 38.08
CA ALA C 127 34.03 -14.78 38.68
C ALA C 127 34.74 -13.91 37.65
N ALA C 128 35.01 -12.65 38.02
CA ALA C 128 35.59 -11.69 37.09
C ALA C 128 36.96 -12.14 36.59
N GLU C 129 37.75 -12.69 37.50
CA GLU C 129 39.04 -13.33 37.18
C GLU C 129 38.85 -14.46 36.17
N GLY C 130 39.55 -14.39 35.05
CA GLY C 130 39.38 -15.41 34.00
C GLY C 130 38.27 -15.11 32.99
N GLY C 131 37.50 -14.04 33.22
CA GLY C 131 36.57 -13.51 32.21
C GLY C 131 35.76 -14.53 31.43
N SER C 132 35.86 -14.46 30.11
CA SER C 132 35.14 -15.38 29.22
C SER C 132 35.43 -16.85 29.48
N ASN C 133 36.68 -17.19 29.74
CA ASN C 133 37.06 -18.59 30.01
C ASN C 133 36.28 -19.20 31.18
N THR C 134 36.19 -18.47 32.28
CA THR C 134 35.45 -18.89 33.45
C THR C 134 33.94 -19.00 33.21
N ALA C 135 33.38 -18.09 32.42
CA ALA C 135 31.97 -18.16 32.07
C ALA C 135 31.66 -19.43 31.26
N VAL C 136 32.52 -19.71 30.29
CA VAL C 136 32.39 -20.89 29.49
C VAL C 136 32.56 -22.16 30.33
N ALA C 137 33.59 -22.22 31.16
CA ALA C 137 33.80 -23.36 32.06
C ALA C 137 32.60 -23.58 32.98
N THR C 138 32.07 -22.50 33.51
CA THR C 138 30.89 -22.57 34.38
C THR C 138 29.70 -23.11 33.60
N ALA C 139 29.47 -22.58 32.41
CA ALA C 139 28.36 -23.04 31.59
C ALA C 139 28.49 -24.54 31.30
N LYS C 140 29.70 -24.99 30.93
CA LYS C 140 29.96 -26.42 30.69
C LYS C 140 29.65 -27.26 31.92
N GLU C 141 30.03 -26.78 33.10
CA GLU C 141 29.74 -27.51 34.34
C GLU C 141 28.23 -27.61 34.62
N LEU C 142 27.48 -26.55 34.31
CA LEU C 142 26.01 -26.58 34.48
C LEU C 142 25.34 -27.47 33.45
N ALA C 143 25.82 -27.44 32.20
CA ALA C 143 25.29 -28.30 31.16
C ALA C 143 25.50 -29.78 31.49
N ALA C 144 26.68 -30.12 32.00
CA ALA C 144 26.97 -31.50 32.37
C ALA C 144 26.08 -32.00 33.49
N THR C 145 25.65 -31.14 34.41
CA THR C 145 24.80 -31.59 35.53
C THR C 145 23.32 -31.32 35.32
N ASN C 146 22.95 -30.67 34.22
CA ASN C 146 21.54 -30.40 33.87
C ASN C 146 21.29 -30.77 32.40
N PRO C 147 21.15 -32.07 32.10
CA PRO C 147 21.01 -32.57 30.72
C PRO C 147 19.83 -32.01 29.94
N SER C 148 18.75 -31.64 30.63
CA SER C 148 17.58 -31.09 29.93
C SER C 148 17.78 -29.63 29.52
N TRP C 149 18.80 -28.98 30.06
CA TRP C 149 19.13 -27.62 29.65
C TRP C 149 19.88 -27.71 28.34
N VAL C 150 19.58 -26.81 27.42
CA VAL C 150 20.14 -26.85 26.08
C VAL C 150 21.17 -25.72 25.88
N MET C 151 22.44 -26.10 25.80
CA MET C 151 23.49 -25.17 25.46
C MET C 151 23.78 -25.20 23.96
N LEU C 152 23.41 -24.13 23.26
CA LEU C 152 23.67 -23.98 21.83
C LEU C 152 25.15 -23.83 21.50
N TYR C 153 25.88 -23.21 22.42
CA TYR C 153 27.34 -23.03 22.34
C TYR C 153 27.80 -22.29 21.09
N GLN C 154 27.69 -20.96 21.16
CA GLN C 154 27.98 -20.08 20.03
C GLN C 154 29.38 -20.20 19.44
N TYR C 155 30.32 -20.63 20.29
CA TYR C 155 31.71 -20.77 19.89
C TYR C 155 31.99 -21.93 18.90
N GLY C 156 31.10 -22.92 18.85
CA GLY C 156 31.24 -24.04 17.91
C GLY C 156 29.96 -24.51 17.18
N ASN C 157 28.94 -23.66 17.10
CA ASN C 157 27.70 -24.03 16.47
C ASN C 157 27.68 -23.55 15.02
N PRO C 158 27.72 -24.48 14.03
CA PRO C 158 27.81 -24.08 12.62
C PRO C 158 26.69 -23.17 12.17
N ALA C 159 25.55 -23.18 12.88
CA ALA C 159 24.43 -22.29 12.57
C ALA C 159 24.79 -20.83 12.73
N ASN C 160 25.74 -20.56 13.63
CA ASN C 160 26.33 -19.25 13.79
C ASN C 160 26.97 -18.80 12.46
N THR C 161 27.95 -19.57 11.98
CA THR C 161 28.58 -19.23 10.67
C THR C 161 27.54 -19.22 9.53
N ASP C 162 26.59 -20.14 9.56
CA ASP C 162 25.56 -20.21 8.52
C ASP C 162 24.74 -18.94 8.38
N SER C 163 24.40 -18.31 9.52
CA SER C 163 23.60 -17.08 9.49
C SER C 163 24.30 -16.00 8.67
N HIS C 164 25.63 -16.01 8.66
CA HIS C 164 26.38 -15.01 7.89
C HIS C 164 26.64 -15.46 6.45
N TYR C 165 26.79 -16.77 6.25
CA TYR C 165 26.88 -17.37 4.92
C TYR C 165 25.58 -17.14 4.13
N CYS C 166 24.44 -17.19 4.82
CA CYS C 166 23.15 -17.04 4.17
C CYS C 166 22.56 -15.65 4.26
N GLY C 167 23.17 -14.76 5.03
CA GLY C 167 22.60 -13.44 5.28
C GLY C 167 23.58 -12.32 4.99
N THR C 168 24.48 -12.10 5.94
CA THR C 168 25.49 -11.04 5.86
C THR C 168 26.25 -11.03 4.52
N GLY C 169 26.77 -12.19 4.11
CA GLY C 169 27.53 -12.29 2.84
C GLY C 169 26.71 -11.94 1.61
N PRO C 170 25.60 -12.66 1.40
CA PRO C 170 24.77 -12.33 0.26
C PRO C 170 24.37 -10.87 0.22
N GLU C 171 23.90 -10.34 1.35
CA GLU C 171 23.47 -8.93 1.38
C GLU C 171 24.59 -8.00 0.92
N LEU C 172 25.82 -8.32 1.35
CA LEU C 172 26.99 -7.51 1.00
C LEU C 172 27.28 -7.57 -0.50
N LEU C 173 27.26 -8.78 -1.04
CA LEU C 173 27.50 -8.96 -2.48
C LEU C 173 26.41 -8.23 -3.27
N ALA C 174 25.17 -8.36 -2.84
CA ALA C 174 24.06 -7.70 -3.52
C ALA C 174 24.18 -6.18 -3.47
N ASP C 175 24.70 -5.63 -2.37
CA ASP C 175 24.82 -4.17 -2.23
C ASP C 175 26.15 -3.63 -2.76
N LEU C 176 27.14 -4.50 -2.81
CA LEU C 176 28.50 -4.09 -3.15
C LEU C 176 29.19 -5.20 -3.98
N PRO C 177 28.72 -5.40 -5.23
CA PRO C 177 29.36 -6.39 -6.12
C PRO C 177 30.86 -6.14 -6.29
N GLU C 178 31.25 -4.87 -6.26
CA GLU C 178 32.64 -4.46 -6.44
C GLU C 178 33.51 -4.65 -5.21
N ILE C 179 32.98 -5.29 -4.18
CA ILE C 179 33.71 -5.51 -2.93
C ILE C 179 35.09 -6.15 -3.17
N THR C 180 36.10 -5.61 -2.49
CA THR C 180 37.46 -6.11 -2.56
C THR C 180 37.93 -6.65 -1.21
N HIS C 181 37.52 -6.00 -0.12
CA HIS C 181 37.86 -6.41 1.23
C HIS C 181 36.63 -6.50 2.15
N PHE C 182 36.68 -7.41 3.12
CA PHE C 182 35.70 -7.44 4.20
C PHE C 182 36.44 -7.41 5.52
N VAL C 183 36.06 -6.49 6.39
CA VAL C 183 36.66 -6.37 7.72
C VAL C 183 35.60 -6.53 8.83
N ALA C 184 35.95 -7.32 9.83
CA ALA C 184 35.10 -7.54 11.01
C ALA C 184 35.94 -7.98 12.20
N GLY C 185 35.32 -7.92 13.38
CA GLY C 185 35.94 -8.40 14.60
C GLY C 185 35.91 -9.92 14.64
N LEU C 186 36.87 -10.49 15.35
CA LEU C 186 37.00 -11.94 15.51
C LEU C 186 36.72 -12.34 16.97
N GLY C 187 35.59 -12.99 17.21
CA GLY C 187 35.18 -13.43 18.55
C GLY C 187 34.82 -14.92 18.54
N THR C 188 33.56 -15.22 18.22
CA THR C 188 33.17 -16.61 17.96
C THR C 188 33.76 -17.08 16.63
N THR C 189 34.03 -16.11 15.75
CA THR C 189 34.56 -16.27 14.39
C THR C 189 33.43 -16.44 13.36
N GLY C 190 32.18 -16.54 13.83
CA GLY C 190 31.04 -16.75 12.98
C GLY C 190 30.92 -15.79 11.81
N THR C 191 31.12 -14.51 12.08
CA THR C 191 30.92 -13.49 11.06
C THR C 191 31.92 -13.61 9.91
N LEU C 192 33.19 -13.77 10.27
CA LEU C 192 34.24 -13.83 9.24
C LEU C 192 34.22 -15.16 8.50
N MET C 193 34.10 -16.24 9.25
CA MET C 193 34.04 -17.58 8.65
C MET C 193 32.91 -17.67 7.63
N GLY C 194 31.71 -17.29 8.04
CA GLY C 194 30.53 -17.40 7.21
C GLY C 194 30.46 -16.39 6.09
N THR C 195 30.71 -15.12 6.41
CA THR C 195 30.71 -14.07 5.38
C THR C 195 31.87 -14.30 4.40
N GLY C 196 33.04 -14.67 4.95
CA GLY C 196 34.26 -14.85 4.17
C GLY C 196 34.20 -16.03 3.23
N ARG C 197 33.73 -17.18 3.71
CA ARG C 197 33.58 -18.33 2.84
C ARG C 197 32.62 -18.00 1.70
N PHE C 198 31.55 -17.27 1.99
CA PHE C 198 30.61 -16.88 0.95
C PHE C 198 31.22 -15.93 -0.07
N LEU C 199 31.88 -14.90 0.42
CA LEU C 199 32.47 -13.90 -0.46
C LEU C 199 33.61 -14.47 -1.33
N ARG C 200 34.34 -15.46 -0.83
CA ARG C 200 35.40 -16.13 -1.61
C ARG C 200 34.82 -16.96 -2.75
N GLU C 201 33.68 -17.59 -2.49
CA GLU C 201 32.95 -18.37 -3.50
C GLU C 201 32.31 -17.52 -4.61
N HIS C 202 32.27 -16.20 -4.46
CA HIS C 202 31.62 -15.35 -5.46
C HIS C 202 32.51 -14.22 -6.03
N VAL C 203 33.68 -13.98 -5.43
CA VAL C 203 34.53 -12.82 -5.76
C VAL C 203 36.01 -13.21 -5.65
N ALA C 204 36.75 -12.98 -6.73
CA ALA C 204 38.05 -13.62 -6.97
C ALA C 204 39.15 -13.23 -5.99
N ASN C 205 39.55 -11.96 -6.03
CA ASN C 205 40.69 -11.51 -5.25
C ASN C 205 40.29 -10.89 -3.90
N VAL C 206 39.09 -11.23 -3.43
CA VAL C 206 38.54 -10.61 -2.22
C VAL C 206 39.35 -10.99 -1.00
N LYS C 207 39.65 -10.03 -0.14
CA LYS C 207 40.42 -10.30 1.08
C LYS C 207 39.55 -10.21 2.34
N ILE C 208 39.75 -11.17 3.25
CA ILE C 208 38.98 -11.25 4.47
C ILE C 208 39.90 -10.89 5.65
N VAL C 209 39.57 -9.81 6.33
CA VAL C 209 40.48 -9.19 7.29
C VAL C 209 39.90 -9.15 8.70
N ALA C 210 40.57 -9.80 9.64
CA ALA C 210 40.16 -9.82 11.04
C ALA C 210 40.72 -8.66 11.88
N ALA C 211 39.90 -8.12 12.77
CA ALA C 211 40.36 -7.24 13.82
C ALA C 211 40.20 -8.02 15.09
N GLU C 212 41.14 -7.94 16.01
CA GLU C 212 41.02 -8.64 17.29
C GLU C 212 41.67 -7.84 18.38
N PRO C 213 41.19 -8.00 19.62
CA PRO C 213 41.74 -7.23 20.72
C PRO C 213 43.19 -7.66 21.02
N ARG C 214 44.05 -6.69 21.33
CA ARG C 214 45.46 -6.97 21.61
C ARG C 214 45.71 -7.19 23.10
N PRO C 231 38.27 -20.97 19.44
CA PRO C 231 36.89 -21.26 19.04
C PRO C 231 36.81 -22.34 17.94
N GLU C 232 35.95 -23.33 18.15
CA GLU C 232 35.83 -24.49 17.26
C GLU C 232 35.31 -24.11 15.86
N LEU C 233 34.60 -22.99 15.75
CA LEU C 233 34.17 -22.50 14.44
C LEU C 233 35.31 -22.01 13.56
N TYR C 234 36.45 -21.70 14.16
CA TYR C 234 37.54 -21.04 13.44
C TYR C 234 38.17 -21.95 12.36
N ASP C 235 38.41 -21.36 11.20
CA ASP C 235 39.08 -22.03 10.10
C ASP C 235 40.33 -21.24 9.71
N PRO C 236 41.52 -21.88 9.81
CA PRO C 236 42.76 -21.25 9.39
C PRO C 236 42.79 -20.68 7.96
N GLU C 237 42.02 -21.24 7.05
CA GLU C 237 42.15 -20.93 5.62
C GLU C 237 41.37 -19.72 5.09
N ILE C 238 40.41 -19.21 5.85
CA ILE C 238 39.51 -18.15 5.34
C ILE C 238 40.10 -16.72 5.40
N LEU C 239 40.96 -16.44 6.37
CA LEU C 239 41.46 -15.08 6.58
C LEU C 239 42.70 -14.74 5.74
N THR C 240 42.61 -13.61 5.05
CA THR C 240 43.76 -13.02 4.36
C THR C 240 44.72 -12.39 5.36
N ALA C 241 44.22 -11.43 6.15
CA ALA C 241 45.04 -10.73 7.15
C ALA C 241 44.37 -10.76 8.52
N ARG C 242 45.15 -10.51 9.57
CA ARG C 242 44.63 -10.32 10.93
C ARG C 242 45.41 -9.19 11.60
N TYR C 243 44.69 -8.16 12.03
CA TYR C 243 45.26 -7.04 12.78
C TYR C 243 44.92 -7.21 14.26
N SER C 244 45.80 -6.73 15.12
CA SER C 244 45.61 -6.84 16.56
C SER C 244 45.55 -5.42 17.13
N VAL C 245 44.37 -5.01 17.61
CA VAL C 245 44.12 -3.62 17.98
C VAL C 245 44.05 -3.38 19.49
N GLY C 246 44.68 -2.29 19.92
CA GLY C 246 44.70 -1.89 21.33
C GLY C 246 43.47 -1.09 21.74
N ALA C 247 43.22 -1.06 23.05
CA ALA C 247 42.02 -0.42 23.59
C ALA C 247 41.95 1.07 23.35
N VAL C 248 43.12 1.71 23.30
CA VAL C 248 43.19 3.15 23.07
C VAL C 248 42.93 3.44 21.59
N ASP C 249 43.49 2.62 20.71
CA ASP C 249 43.24 2.78 19.30
C ASP C 249 41.78 2.47 18.99
N ALA C 250 41.22 1.46 19.66
CA ALA C 250 39.82 1.11 19.45
C ALA C 250 38.95 2.29 19.89
N VAL C 251 39.19 2.79 21.09
CA VAL C 251 38.41 3.91 21.59
C VAL C 251 38.59 5.11 20.66
N ARG C 252 39.83 5.43 20.34
CA ARG C 252 40.11 6.61 19.52
C ARG C 252 39.37 6.58 18.18
N ARG C 253 39.32 5.41 17.55
CA ARG C 253 38.71 5.32 16.24
C ARG C 253 37.19 5.33 16.30
N THR C 254 36.61 4.86 17.40
CA THR C 254 35.16 4.86 17.58
C THR C 254 34.67 6.30 17.73
N ARG C 255 35.47 7.10 18.44
CA ARG C 255 35.17 8.52 18.63
C ARG C 255 35.30 9.28 17.31
N GLU C 256 36.20 8.83 16.47
CA GLU C 256 36.43 9.47 15.17
C GLU C 256 35.33 9.12 14.19
N LEU C 257 34.84 7.89 14.28
CA LEU C 257 33.71 7.45 13.43
C LEU C 257 32.48 8.31 13.71
N VAL C 258 32.18 8.53 14.99
CA VAL C 258 31.03 9.36 15.33
C VAL C 258 31.25 10.84 14.95
N HIS C 259 32.42 11.39 15.19
CA HIS C 259 32.66 12.81 14.86
C HIS C 259 32.72 13.10 13.37
N THR C 260 33.13 12.12 12.59
CA THR C 260 33.38 12.36 11.17
C THR C 260 32.21 11.86 10.33
N GLU C 261 31.59 10.74 10.72
CA GLU C 261 30.53 10.15 9.91
C GLU C 261 29.16 10.10 10.58
N GLY C 262 29.08 10.55 11.83
CA GLY C 262 27.82 10.57 12.58
C GLY C 262 27.35 9.23 13.14
N ILE C 263 28.11 8.16 12.92
CA ILE C 263 27.72 6.83 13.35
C ILE C 263 28.16 6.56 14.78
N PHE C 264 27.18 6.25 15.64
CA PHE C 264 27.41 6.01 17.06
C PHE C 264 27.58 4.52 17.30
N ALA C 265 28.83 4.05 17.25
CA ALA C 265 29.12 2.63 17.24
C ALA C 265 29.70 2.16 18.55
N GLY C 266 29.63 0.84 18.79
CA GLY C 266 30.32 0.23 19.94
C GLY C 266 31.84 0.16 19.74
N ILE C 267 32.52 -0.35 20.75
CA ILE C 267 33.99 -0.33 20.78
C ILE C 267 34.61 -1.16 19.65
N SER C 268 34.02 -2.34 19.39
CA SER C 268 34.59 -3.29 18.42
C SER C 268 34.66 -2.68 17.04
N THR C 269 33.79 -1.71 16.80
CA THR C 269 33.74 -1.03 15.52
C THR C 269 34.94 -0.11 15.38
N GLY C 270 35.41 0.42 16.51
CA GLY C 270 36.65 1.19 16.56
C GLY C 270 37.84 0.33 16.13
N ALA C 271 37.92 -0.86 16.70
CA ALA C 271 38.96 -1.81 16.35
C ALA C 271 38.83 -2.24 14.90
N VAL C 272 37.60 -2.52 14.48
CA VAL C 272 37.35 -2.89 13.09
C VAL C 272 37.78 -1.75 12.15
N LEU C 273 37.44 -0.52 12.49
CA LEU C 273 37.77 0.63 11.66
C LEU C 273 39.28 0.87 11.59
N HIS C 274 39.96 0.67 12.73
CA HIS C 274 41.42 0.80 12.78
C HIS C 274 42.03 -0.13 11.73
N ALA C 275 41.64 -1.40 11.77
CA ALA C 275 42.12 -2.36 10.79
C ALA C 275 41.78 -1.94 9.36
N ALA C 276 40.56 -1.47 9.14
CA ALA C 276 40.08 -1.11 7.80
C ALA C 276 40.79 0.11 7.18
N LEU C 277 41.22 1.05 8.03
CA LEU C 277 41.95 2.19 7.53
C LEU C 277 43.36 1.78 7.12
N GLY C 278 44.00 0.94 7.94
CA GLY C 278 45.31 0.37 7.60
C GLY C 278 45.28 -0.29 6.24
N VAL C 279 44.29 -1.17 6.04
CA VAL C 279 44.06 -1.82 4.76
C VAL C 279 43.80 -0.78 3.65
N GLY C 280 43.08 0.30 3.98
CA GLY C 280 42.86 1.38 3.03
C GLY C 280 44.16 2.09 2.65
N ALA C 281 44.96 2.41 3.67
CA ALA C 281 46.24 3.09 3.47
C ALA C 281 47.16 2.27 2.56
N GLY C 282 47.27 0.98 2.87
CA GLY C 282 48.02 0.04 2.05
C GLY C 282 47.67 0.11 0.57
N ALA C 283 46.41 -0.10 0.24
CA ALA C 283 45.97 -0.10 -1.15
C ALA C 283 45.92 1.31 -1.75
N LEU C 284 46.06 2.34 -0.91
CA LEU C 284 46.26 3.71 -1.39
C LEU C 284 47.72 3.90 -1.81
N ALA C 285 48.63 3.57 -0.89
CA ALA C 285 50.07 3.65 -1.15
C ALA C 285 50.60 2.46 -2.00
N ALA C 286 49.71 1.77 -2.71
CA ALA C 286 50.09 0.83 -3.77
C ALA C 286 49.34 1.11 -5.07
N GLY C 287 48.65 2.25 -5.14
CA GLY C 287 47.93 2.67 -6.36
C GLY C 287 46.71 1.85 -6.75
N GLU C 288 46.34 0.86 -5.94
CA GLU C 288 45.24 -0.05 -6.27
C GLU C 288 43.89 0.53 -5.84
N ARG C 289 42.84 0.15 -6.57
CA ARG C 289 41.49 0.53 -6.22
C ARG C 289 40.96 -0.41 -5.13
N ALA C 290 40.02 0.06 -4.32
CA ALA C 290 39.49 -0.73 -3.21
C ALA C 290 38.09 -0.27 -2.77
N ASP C 291 37.23 -1.25 -2.48
CA ASP C 291 35.93 -1.01 -1.85
C ASP C 291 35.80 -1.91 -0.61
N ILE C 292 35.99 -1.30 0.55
CA ILE C 292 36.21 -2.05 1.79
C ILE C 292 34.97 -2.02 2.70
N ALA C 293 34.35 -3.18 2.84
CA ALA C 293 33.18 -3.35 3.68
C ALA C 293 33.65 -3.63 5.09
N LEU C 294 33.11 -2.90 6.05
CA LEU C 294 33.41 -3.14 7.46
C LEU C 294 32.15 -3.22 8.30
N VAL C 295 32.20 -4.04 9.34
CA VAL C 295 31.06 -4.30 10.19
C VAL C 295 30.99 -3.34 11.39
N VAL C 296 29.85 -2.66 11.49
CA VAL C 296 29.45 -2.00 12.73
C VAL C 296 28.53 -2.98 13.49
N ALA C 297 29.12 -3.72 14.42
CA ALA C 297 28.42 -4.86 15.05
C ALA C 297 27.37 -4.44 16.09
N ASP C 298 27.57 -3.29 16.72
CA ASP C 298 26.58 -2.75 17.63
C ASP C 298 26.81 -1.26 17.77
N ALA C 299 25.91 -0.59 18.50
CA ALA C 299 25.96 0.86 18.67
C ALA C 299 26.58 1.19 20.01
N GLY C 300 26.77 2.48 20.31
CA GLY C 300 27.39 2.88 21.57
C GLY C 300 26.56 2.77 22.83
N TRP C 301 25.24 2.54 22.70
CA TRP C 301 24.32 2.61 23.84
C TRP C 301 24.76 1.79 25.05
N LYS C 302 25.25 0.58 24.81
CA LYS C 302 25.62 -0.33 25.92
C LYS C 302 26.95 0.03 26.59
N TYR C 303 27.68 0.98 26.01
CA TYR C 303 29.01 1.36 26.49
C TYR C 303 29.13 2.78 27.08
N LEU C 304 28.02 3.49 27.26
CA LEU C 304 28.08 4.84 27.81
C LEU C 304 28.65 4.83 29.22
N SER C 305 28.19 3.88 30.04
CA SER C 305 28.58 3.78 31.46
C SER C 305 30.07 3.56 31.71
N THR C 306 30.86 3.32 30.66
CA THR C 306 32.29 3.11 30.81
C THR C 306 33.06 4.41 30.69
N GLY C 307 32.42 5.50 30.30
CA GLY C 307 33.14 6.75 30.06
C GLY C 307 33.94 6.79 28.76
N ALA C 308 33.86 5.74 27.95
CA ALA C 308 34.55 5.70 26.66
C ALA C 308 34.25 6.86 25.69
N TYR C 309 33.08 7.51 25.84
CA TYR C 309 32.62 8.55 24.89
C TYR C 309 32.69 9.96 25.48
N ARG D 6 22.24 0.59 -0.81
CA ARG D 6 23.49 1.42 -0.74
C ARG D 6 23.19 2.92 -0.56
N TYR D 7 23.92 3.57 0.35
CA TYR D 7 23.73 4.99 0.67
C TYR D 7 25.08 5.74 0.69
N ASP D 8 25.06 7.00 0.28
CA ASP D 8 26.28 7.82 0.23
C ASP D 8 26.70 8.29 1.62
N SER D 9 25.73 8.38 2.53
CA SER D 9 26.00 8.76 3.90
C SER D 9 24.90 8.25 4.84
N LEU D 10 25.17 8.35 6.13
CA LEU D 10 24.22 7.99 7.15
C LEU D 10 22.89 8.74 7.00
N LEU D 11 22.93 9.98 6.53
CA LEU D 11 21.72 10.82 6.44
C LEU D 11 20.68 10.23 5.50
N GLN D 12 21.12 9.44 4.53
CA GLN D 12 20.21 8.80 3.58
C GLN D 12 19.69 7.47 4.08
N ALA D 13 20.39 6.86 5.05
CA ALA D 13 19.96 5.60 5.66
C ALA D 13 18.82 5.89 6.66
N LEU D 14 17.71 6.38 6.12
CA LEU D 14 16.67 7.06 6.85
C LEU D 14 15.32 6.62 6.33
N GLY D 15 14.36 6.42 7.22
CA GLY D 15 13.02 6.00 6.79
C GLY D 15 12.96 4.57 6.24
N ASN D 16 11.91 4.30 5.48
CA ASN D 16 11.54 2.95 5.09
C ASN D 16 11.71 1.96 6.23
N THR D 17 11.08 2.28 7.34
CA THR D 17 11.22 1.50 8.54
C THR D 17 10.28 0.34 8.57
N PRO D 18 10.64 -0.74 9.27
CA PRO D 18 9.78 -1.93 9.26
C PRO D 18 8.45 -1.81 10.02
N LEU D 19 7.46 -2.57 9.57
CA LEU D 19 6.17 -2.63 10.21
C LEU D 19 6.01 -4.06 10.73
N VAL D 20 5.80 -4.21 12.02
CA VAL D 20 5.80 -5.51 12.69
C VAL D 20 4.47 -5.74 13.37
N GLY D 21 3.74 -6.72 12.90
CA GLY D 21 2.51 -7.11 13.52
C GLY D 21 2.77 -7.73 14.88
N LEU D 22 1.93 -7.35 15.84
CA LEU D 22 2.04 -7.84 17.20
C LEU D 22 1.00 -8.93 17.48
N GLN D 23 1.39 -10.16 17.18
CA GLN D 23 0.46 -11.27 17.28
C GLN D 23 0.06 -11.61 18.71
N ARG D 24 0.94 -11.35 19.68
CA ARG D 24 0.64 -11.70 21.08
C ARG D 24 -0.18 -10.60 21.74
N LEU D 25 0.16 -9.35 21.44
CA LEU D 25 -0.45 -8.20 22.14
C LEU D 25 -1.77 -7.73 21.48
N SER D 26 -2.00 -8.13 20.24
CA SER D 26 -3.21 -7.68 19.56
C SER D 26 -4.44 -8.30 20.24
N PRO D 27 -5.51 -7.52 20.39
CA PRO D 27 -6.78 -8.09 20.88
C PRO D 27 -7.26 -9.37 20.17
N ARG D 28 -7.09 -9.47 18.84
CA ARG D 28 -7.39 -10.69 18.09
C ARG D 28 -6.64 -10.70 16.78
N TRP D 29 -5.45 -11.33 16.75
CA TRP D 29 -4.68 -11.39 15.52
C TRP D 29 -5.37 -12.19 14.40
N ASP D 30 -5.86 -13.39 14.73
CA ASP D 30 -6.43 -14.30 13.74
C ASP D 30 -7.88 -13.98 13.44
N ASP D 31 -8.23 -14.06 12.17
CA ASP D 31 -9.62 -14.05 11.78
C ASP D 31 -10.22 -15.42 12.14
N GLY D 32 -11.50 -15.42 12.49
CA GLY D 32 -12.24 -16.65 12.81
C GLY D 32 -13.65 -16.42 13.33
N ARG D 33 -14.18 -17.43 14.02
CA ARG D 33 -15.60 -17.53 14.36
C ARG D 33 -16.08 -16.48 15.36
N ASP D 34 -15.19 -16.08 16.28
CA ASP D 34 -15.57 -15.10 17.31
C ASP D 34 -15.71 -13.69 16.76
N GLY D 35 -15.33 -13.51 15.50
CA GLY D 35 -15.50 -12.24 14.81
C GLY D 35 -14.22 -11.73 14.16
N PRO D 36 -14.28 -10.52 13.58
CA PRO D 36 -13.19 -9.92 12.81
C PRO D 36 -11.88 -9.66 13.59
N HIS D 37 -10.75 -9.70 12.91
CA HIS D 37 -9.47 -9.39 13.57
C HIS D 37 -9.35 -7.94 14.05
N VAL D 38 -8.64 -7.78 15.17
CA VAL D 38 -8.29 -6.48 15.69
C VAL D 38 -6.79 -6.57 15.90
N ARG D 39 -6.05 -5.95 14.97
CA ARG D 39 -4.62 -6.15 14.85
C ARG D 39 -3.85 -4.88 15.19
N LEU D 40 -2.73 -5.03 15.87
CA LEU D 40 -1.82 -3.92 16.12
C LEU D 40 -0.57 -4.14 15.30
N TRP D 41 -0.14 -3.07 14.63
CA TRP D 41 1.07 -3.07 13.81
C TRP D 41 2.05 -1.97 14.25
N ALA D 42 3.26 -2.38 14.64
CA ALA D 42 4.26 -1.43 15.17
C ALA D 42 5.23 -1.01 14.10
N LYS D 43 5.34 0.30 13.90
CA LYS D 43 6.28 0.83 12.92
C LYS D 43 7.55 1.31 13.65
N LEU D 44 8.70 0.73 13.29
CA LEU D 44 9.89 0.83 14.13
C LEU D 44 10.79 2.02 13.75
N GLU D 45 10.49 3.18 14.37
CA GLU D 45 11.14 4.43 13.97
C GLU D 45 12.50 4.63 14.64
N ASP D 46 12.93 3.67 15.43
CA ASP D 46 14.29 3.65 15.95
C ASP D 46 15.29 3.08 14.94
N ARG D 47 14.80 2.50 13.84
CA ARG D 47 15.65 2.04 12.74
C ARG D 47 15.92 3.25 11.87
N ASN D 48 16.78 4.13 12.38
CA ASN D 48 17.01 5.45 11.82
C ASN D 48 18.36 5.96 12.27
N PRO D 49 18.94 6.89 11.52
CA PRO D 49 20.34 7.28 11.78
C PRO D 49 20.74 7.45 13.27
N THR D 50 19.98 8.18 14.09
CA THR D 50 20.33 8.32 15.53
C THR D 50 19.40 7.61 16.45
N GLY D 51 18.52 6.77 15.91
CA GLY D 51 17.65 5.97 16.75
C GLY D 51 16.33 6.59 17.13
N SER D 52 15.88 7.62 16.43
CA SER D 52 14.54 8.11 16.68
C SER D 52 13.87 8.65 15.44
N ILE D 53 12.55 8.78 15.54
CA ILE D 53 11.75 9.27 14.45
C ILE D 53 12.19 10.71 14.07
N LYS D 54 12.80 11.43 15.01
CA LYS D 54 13.19 12.82 14.76
C LYS D 54 14.21 12.94 13.64
N ASP D 55 14.94 11.87 13.32
CA ASP D 55 15.78 11.92 12.14
C ASP D 55 15.02 12.43 10.91
N ARG D 56 13.75 12.04 10.76
CA ARG D 56 12.98 12.46 9.60
C ARG D 56 12.78 13.99 9.51
N PRO D 57 12.17 14.63 10.54
CA PRO D 57 12.01 16.06 10.40
C PRO D 57 13.33 16.83 10.46
N ALA D 58 14.28 16.35 11.27
CA ALA D 58 15.57 17.06 11.41
C ALA D 58 16.32 17.15 10.09
N VAL D 59 16.44 16.03 9.39
CA VAL D 59 17.15 16.00 8.13
C VAL D 59 16.42 16.83 7.08
N ARG D 60 15.09 16.71 7.00
CA ARG D 60 14.34 17.52 6.04
C ARG D 60 14.40 19.02 6.34
N MET D 61 14.42 19.39 7.60
CA MET D 61 14.50 20.80 7.97
C MET D 61 15.86 21.38 7.56
N ILE D 62 16.89 20.58 7.76
CA ILE D 62 18.26 21.02 7.51
C ILE D 62 18.49 21.22 6.01
N GLU D 63 18.05 20.26 5.21
CA GLU D 63 18.25 20.31 3.77
C GLU D 63 17.37 21.36 3.11
N GLN D 64 16.17 21.54 3.62
CA GLN D 64 15.28 22.56 3.11
C GLN D 64 15.85 23.96 3.42
N ALA D 65 16.43 24.14 4.60
CA ALA D 65 17.09 25.39 4.94
C ALA D 65 18.29 25.65 4.02
N GLU D 66 19.10 24.62 3.77
CA GLU D 66 20.22 24.72 2.85
C GLU D 66 19.76 25.10 1.46
N ALA D 67 18.70 24.45 0.96
CA ALA D 67 18.17 24.77 -0.36
C ALA D 67 17.53 26.18 -0.41
N ASP D 68 17.08 26.70 0.72
CA ASP D 68 16.49 28.04 0.79
C ASP D 68 17.56 29.11 1.00
N GLY D 69 18.82 28.67 1.12
CA GLY D 69 19.96 29.56 1.25
C GLY D 69 20.11 30.11 2.64
N LEU D 70 19.40 29.52 3.60
CA LEU D 70 19.39 30.02 4.96
C LEU D 70 20.61 29.58 5.77
N LEU D 71 21.37 28.59 5.29
CA LEU D 71 22.48 28.03 6.05
C LEU D 71 23.83 28.22 5.38
N ARG D 72 24.73 28.91 6.07
CA ARG D 72 26.09 29.12 5.61
C ARG D 72 27.04 28.15 6.29
N PRO D 73 28.15 27.77 5.61
CA PRO D 73 29.10 26.88 6.26
C PRO D 73 29.59 27.44 7.59
N GLY D 74 29.65 26.59 8.60
CA GLY D 74 30.07 27.02 9.93
C GLY D 74 29.00 27.76 10.71
N ALA D 75 27.79 27.85 10.17
CA ALA D 75 26.67 28.53 10.85
C ALA D 75 26.34 27.88 12.18
N THR D 76 26.00 28.72 13.16
CA THR D 76 25.50 28.28 14.44
C THR D 76 24.00 27.98 14.31
N ILE D 77 23.61 26.74 14.65
CA ILE D 77 22.21 26.33 14.66
C ILE D 77 21.72 26.30 16.11
N LEU D 78 20.56 26.92 16.35
CA LEU D 78 19.96 26.93 17.68
C LEU D 78 18.66 26.15 17.64
N GLU D 79 18.47 25.21 18.54
CA GLU D 79 17.18 24.48 18.61
C GLU D 79 16.75 24.18 20.02
N PRO D 80 15.48 24.45 20.36
CA PRO D 80 14.92 23.96 21.61
C PRO D 80 14.46 22.51 21.45
N THR D 81 14.83 21.65 22.38
CA THR D 81 14.60 20.20 22.21
C THR D 81 14.70 19.48 23.53
N SER D 82 13.91 18.42 23.69
CA SER D 82 14.00 17.58 24.89
C SER D 82 14.98 16.43 24.71
N GLY D 83 15.64 16.35 23.55
CA GLY D 83 16.68 15.32 23.33
C GLY D 83 16.75 14.77 21.91
N ASN D 84 15.66 14.20 21.44
CA ASN D 84 15.69 13.46 20.17
C ASN D 84 15.99 14.33 18.96
N THR D 85 15.34 15.49 18.87
CA THR D 85 15.59 16.36 17.73
C THR D 85 17.01 16.93 17.78
N GLY D 86 17.44 17.30 18.99
CA GLY D 86 18.80 17.78 19.22
C GLY D 86 19.87 16.81 18.77
N ILE D 87 19.66 15.55 19.10
CA ILE D 87 20.58 14.48 18.72
C ILE D 87 20.64 14.33 17.20
N SER D 88 19.48 14.34 16.53
CA SER D 88 19.46 14.23 15.06
C SER D 88 20.19 15.39 14.42
N LEU D 89 19.89 16.61 14.87
CA LEU D 89 20.58 17.78 14.36
C LEU D 89 22.08 17.77 14.69
N ALA D 90 22.46 17.26 15.85
CA ALA D 90 23.86 17.19 16.23
C ALA D 90 24.61 16.28 15.27
N MET D 91 23.97 15.19 14.89
CA MET D 91 24.56 14.27 13.94
C MET D 91 24.72 14.96 12.60
N ALA D 92 23.63 15.48 12.07
CA ALA D 92 23.70 16.23 10.81
C ALA D 92 24.72 17.39 10.85
N ALA D 93 24.77 18.11 11.95
CA ALA D 93 25.62 19.30 12.04
C ALA D 93 27.08 18.89 11.97
N ARG D 94 27.42 17.80 12.64
CA ARG D 94 28.76 17.21 12.53
C ARG D 94 29.12 16.88 11.08
N LEU D 95 28.22 16.20 10.38
CA LEU D 95 28.46 15.85 9.00
C LEU D 95 28.57 17.08 8.10
N LYS D 96 27.77 18.10 8.36
CA LYS D 96 27.63 19.22 7.42
C LYS D 96 28.46 20.45 7.80
N GLY D 97 29.14 20.38 8.94
CA GLY D 97 30.02 21.45 9.39
C GLY D 97 29.27 22.61 9.99
N TYR D 98 28.23 22.32 10.76
CA TYR D 98 27.53 23.37 11.50
C TYR D 98 27.82 23.21 12.98
N ARG D 99 27.68 24.31 13.71
CA ARG D 99 27.81 24.32 15.16
C ARG D 99 26.38 24.27 15.72
N LEU D 100 26.16 23.53 16.79
CA LEU D 100 24.81 23.37 17.32
C LEU D 100 24.70 23.77 18.76
N ILE D 101 23.71 24.60 19.06
CA ILE D 101 23.32 24.89 20.41
C ILE D 101 21.89 24.42 20.70
N CYS D 102 21.75 23.55 21.69
CA CYS D 102 20.46 22.99 22.06
C CYS D 102 19.99 23.67 23.33
N VAL D 103 18.75 24.13 23.36
CA VAL D 103 18.14 24.60 24.61
C VAL D 103 17.22 23.51 25.09
N MET D 104 17.46 23.04 26.31
CA MET D 104 16.95 21.74 26.73
C MET D 104 16.54 21.76 28.20
N PRO D 105 15.42 21.09 28.55
CA PRO D 105 15.10 21.04 29.98
C PRO D 105 16.14 20.30 30.81
N GLU D 106 16.44 20.85 31.99
CA GLU D 106 17.35 20.25 32.97
C GLU D 106 17.11 18.79 33.30
N ASN D 107 15.84 18.42 33.50
CA ASN D 107 15.51 17.08 33.99
C ASN D 107 15.46 15.97 32.92
N THR D 108 16.13 16.18 31.79
CA THR D 108 16.25 15.12 30.76
C THR D 108 17.32 14.06 31.13
N SER D 109 17.13 12.84 30.63
CA SER D 109 18.04 11.72 30.92
C SER D 109 19.50 12.07 30.63
N VAL D 110 20.39 11.49 31.40
CA VAL D 110 21.83 11.70 31.23
C VAL D 110 22.30 11.13 29.90
N GLU D 111 21.61 10.10 29.41
CA GLU D 111 22.01 9.50 28.14
C GLU D 111 21.95 10.53 27.02
N ARG D 112 20.95 11.42 27.08
CA ARG D 112 20.78 12.47 26.06
C ARG D 112 21.94 13.44 26.07
N ARG D 113 22.31 13.93 27.24
CA ARG D 113 23.44 14.86 27.32
C ARG D 113 24.76 14.21 26.90
N GLN D 114 24.94 12.92 27.21
CA GLN D 114 26.16 12.21 26.80
C GLN D 114 26.31 12.18 25.30
N LEU D 115 25.21 11.86 24.62
CA LEU D 115 25.25 11.74 23.17
C LEU D 115 25.39 13.13 22.53
N LEU D 116 24.66 14.11 23.04
CA LEU D 116 24.81 15.47 22.53
C LEU D 116 26.27 15.95 22.66
N GLU D 117 26.84 15.78 23.85
CA GLU D 117 28.25 16.15 24.08
C GLU D 117 29.18 15.34 23.18
N LEU D 118 28.90 14.04 23.03
CA LEU D 118 29.68 13.21 22.10
C LEU D 118 29.66 13.74 20.66
N TYR D 119 28.53 14.28 20.23
CA TYR D 119 28.42 14.91 18.92
C TYR D 119 28.98 16.35 18.87
N GLY D 120 29.37 16.89 20.01
CA GLY D 120 29.96 18.21 20.09
C GLY D 120 28.91 19.32 20.06
N ALA D 121 27.71 19.01 20.53
CA ALA D 121 26.65 19.97 20.64
C ALA D 121 26.74 20.63 21.99
N GLN D 122 26.44 21.92 22.00
CA GLN D 122 26.45 22.71 23.22
C GLN D 122 25.06 22.71 23.78
N ILE D 123 24.93 22.57 25.09
CA ILE D 123 23.64 22.49 25.76
C ILE D 123 23.43 23.66 26.71
N ILE D 124 22.31 24.35 26.54
CA ILE D 124 21.86 25.35 27.48
C ILE D 124 20.67 24.75 28.18
N PHE D 125 20.85 24.45 29.46
CA PHE D 125 19.81 23.80 30.27
C PHE D 125 18.85 24.83 30.85
N SER D 126 17.56 24.60 30.65
CA SER D 126 16.51 25.45 31.20
C SER D 126 15.98 24.82 32.49
N ALA D 127 15.94 25.60 33.56
CA ALA D 127 15.37 25.12 34.83
C ALA D 127 13.85 24.98 34.72
N ALA D 128 13.21 24.48 35.78
CA ALA D 128 11.74 24.36 35.87
C ALA D 128 11.02 25.72 35.77
N GLY D 131 8.80 29.56 37.65
CA GLY D 131 9.51 30.83 37.71
C GLY D 131 10.21 31.19 36.40
N SER D 132 11.03 30.27 35.89
CA SER D 132 11.88 30.53 34.72
C SER D 132 11.10 30.49 33.39
N ASN D 133 11.71 31.06 32.34
CA ASN D 133 11.24 30.86 30.96
C ASN D 133 11.44 29.40 30.56
N THR D 134 10.61 28.93 29.63
CA THR D 134 10.74 27.58 29.11
C THR D 134 11.84 27.53 28.06
N ALA D 135 12.21 26.32 27.68
CA ALA D 135 13.24 26.12 26.66
C ALA D 135 12.82 26.77 25.35
N VAL D 136 11.57 26.55 24.94
CA VAL D 136 11.13 27.13 23.67
C VAL D 136 11.15 28.68 23.74
N ALA D 137 10.60 29.26 24.79
CA ALA D 137 10.55 30.73 24.90
C ALA D 137 11.96 31.32 24.92
N THR D 138 12.85 30.66 25.66
CA THR D 138 14.24 31.09 25.71
C THR D 138 14.85 31.02 24.32
N ALA D 139 14.61 29.94 23.61
CA ALA D 139 15.17 29.81 22.26
C ALA D 139 14.64 30.90 21.35
N LYS D 140 13.36 31.21 21.48
CA LYS D 140 12.79 32.31 20.68
C LYS D 140 13.51 33.63 20.93
N GLU D 141 13.72 33.96 22.20
CA GLU D 141 14.46 35.20 22.55
C GLU D 141 15.88 35.21 22.02
N LEU D 142 16.59 34.09 22.18
CA LEU D 142 17.95 33.95 21.72
C LEU D 142 18.07 34.15 20.22
N ALA D 143 17.16 33.53 19.46
CA ALA D 143 17.21 33.67 18.01
C ALA D 143 16.97 35.10 17.59
N ALA D 144 16.09 35.80 18.29
CA ALA D 144 15.83 37.21 17.97
C ALA D 144 17.06 38.09 18.26
N THR D 145 17.67 37.87 19.41
CA THR D 145 18.88 38.59 19.82
C THR D 145 20.08 38.29 18.94
N ASN D 146 20.22 37.05 18.48
CA ASN D 146 21.36 36.64 17.66
C ASN D 146 20.91 36.28 16.22
N PRO D 147 20.71 37.31 15.37
CA PRO D 147 20.05 36.96 14.11
C PRO D 147 20.88 36.11 13.14
N SER D 148 22.18 35.99 13.35
CA SER D 148 22.98 35.09 12.53
C SER D 148 22.85 33.61 12.96
N TRP D 149 22.34 33.35 14.16
CA TRP D 149 21.98 32.00 14.56
C TRP D 149 20.78 31.56 13.74
N VAL D 150 20.77 30.31 13.30
CA VAL D 150 19.67 29.75 12.52
C VAL D 150 18.85 28.83 13.39
N MET D 151 17.61 29.19 13.67
CA MET D 151 16.73 28.30 14.39
C MET D 151 15.73 27.66 13.41
N LEU D 152 15.92 26.38 13.16
CA LEU D 152 15.10 25.67 12.21
C LEU D 152 13.66 25.60 12.74
N TYR D 153 13.55 25.39 14.06
CA TYR D 153 12.27 25.53 14.78
C TYR D 153 11.29 24.41 14.47
N GLN D 154 11.53 23.27 15.10
CA GLN D 154 10.75 22.06 14.85
C GLN D 154 9.27 22.20 15.18
N TYR D 155 8.92 23.16 16.03
CA TYR D 155 7.53 23.31 16.44
C TYR D 155 6.64 24.08 15.46
N GLY D 156 7.26 24.74 14.48
CA GLY D 156 6.55 25.50 13.44
C GLY D 156 7.01 25.29 12.00
N ASN D 157 8.12 24.59 11.79
CA ASN D 157 8.69 24.40 10.44
C ASN D 157 7.93 23.33 9.63
N PRO D 158 7.33 23.73 8.49
CA PRO D 158 6.54 22.82 7.69
C PRO D 158 7.31 21.62 7.19
N ALA D 159 8.63 21.73 7.13
CA ALA D 159 9.45 20.59 6.78
C ALA D 159 9.29 19.41 7.75
N ASN D 160 8.87 19.70 8.98
CA ASN D 160 8.68 18.65 9.97
C ASN D 160 7.47 17.80 9.53
N THR D 161 6.34 18.48 9.37
CA THR D 161 5.10 17.85 8.93
C THR D 161 5.28 17.20 7.56
N ASP D 162 5.96 17.88 6.63
CA ASP D 162 6.22 17.32 5.30
C ASP D 162 7.03 16.03 5.32
N SER D 163 7.93 15.86 6.27
CA SER D 163 8.74 14.63 6.31
C SER D 163 7.84 13.42 6.57
N HIS D 164 6.75 13.63 7.30
CA HIS D 164 5.81 12.55 7.58
C HIS D 164 4.78 12.41 6.48
N TYR D 165 4.29 13.53 5.94
CA TYR D 165 3.44 13.53 4.78
C TYR D 165 4.09 12.88 3.56
N CYS D 166 5.41 13.00 3.42
CA CYS D 166 6.11 12.40 2.27
C CYS D 166 6.79 11.08 2.55
N GLY D 167 6.96 10.74 3.84
CA GLY D 167 7.66 9.53 4.19
C GLY D 167 6.82 8.55 5.00
N THR D 168 6.59 8.89 6.26
CA THR D 168 5.92 7.99 7.21
C THR D 168 4.55 7.53 6.68
N GLY D 169 3.75 8.50 6.25
CA GLY D 169 2.42 8.23 5.70
C GLY D 169 2.43 7.32 4.47
N PRO D 170 3.18 7.69 3.42
CA PRO D 170 3.26 6.80 2.26
C PRO D 170 3.82 5.41 2.57
N GLU D 171 4.84 5.32 3.41
CA GLU D 171 5.34 3.99 3.79
C GLU D 171 4.30 3.14 4.49
N LEU D 172 3.49 3.77 5.35
CA LEU D 172 2.43 3.08 6.07
C LEU D 172 1.36 2.56 5.15
N LEU D 173 0.87 3.45 4.29
CA LEU D 173 -0.15 3.06 3.34
C LEU D 173 0.31 1.92 2.43
N ALA D 174 1.58 1.96 2.04
CA ALA D 174 2.18 0.90 1.22
C ALA D 174 2.20 -0.43 1.98
N ASP D 175 2.64 -0.42 3.22
CA ASP D 175 2.75 -1.67 4.01
C ASP D 175 1.42 -2.11 4.64
N LEU D 176 0.46 -1.19 4.79
CA LEU D 176 -0.78 -1.50 5.50
C LEU D 176 -1.96 -0.81 4.82
N PRO D 177 -2.28 -1.25 3.58
CA PRO D 177 -3.40 -0.70 2.82
C PRO D 177 -4.73 -0.84 3.52
N GLU D 178 -4.86 -1.88 4.31
CA GLU D 178 -6.06 -2.09 5.13
C GLU D 178 -6.10 -1.26 6.42
N ILE D 179 -5.22 -0.28 6.60
CA ILE D 179 -5.18 0.52 7.82
C ILE D 179 -6.55 1.12 8.17
N THR D 180 -6.95 0.97 9.43
CA THR D 180 -8.14 1.63 9.98
C THR D 180 -7.80 2.75 10.97
N HIS D 181 -6.67 2.65 11.68
CA HIS D 181 -6.26 3.62 12.69
C HIS D 181 -4.77 3.88 12.66
N PHE D 182 -4.38 5.12 12.95
CA PHE D 182 -2.99 5.42 13.17
C PHE D 182 -2.85 6.08 14.53
N VAL D 183 -1.93 5.54 15.35
CA VAL D 183 -1.75 6.02 16.73
C VAL D 183 -0.32 6.46 16.92
N ALA D 184 -0.14 7.68 17.42
CA ALA D 184 1.19 8.20 17.72
C ALA D 184 1.14 9.19 18.84
N GLY D 185 2.33 9.49 19.36
CA GLY D 185 2.47 10.53 20.35
C GLY D 185 2.31 11.90 19.74
N LEU D 186 1.82 12.82 20.57
CA LEU D 186 1.56 14.19 20.12
C LEU D 186 2.57 15.12 20.82
N GLY D 187 3.59 15.52 20.07
CA GLY D 187 4.67 16.37 20.58
C GLY D 187 4.73 17.67 19.83
N THR D 188 5.63 17.73 18.84
CA THR D 188 5.66 18.81 17.86
C THR D 188 4.40 18.80 17.01
N THR D 189 3.80 17.62 16.93
CA THR D 189 2.59 17.30 16.20
C THR D 189 2.88 16.93 14.77
N GLY D 190 4.14 17.02 14.35
CA GLY D 190 4.51 16.69 12.98
C GLY D 190 4.06 15.32 12.55
N THR D 191 4.31 14.31 13.38
CA THR D 191 4.01 12.93 13.02
C THR D 191 2.52 12.75 12.68
N LEU D 192 1.68 13.18 13.59
CA LEU D 192 0.24 13.05 13.40
C LEU D 192 -0.34 14.03 12.38
N MET D 193 0.22 15.21 12.23
CA MET D 193 -0.33 16.16 11.24
C MET D 193 0.02 15.74 9.83
N GLY D 194 1.28 15.35 9.63
CA GLY D 194 1.75 14.93 8.33
C GLY D 194 1.24 13.58 7.94
N THR D 195 1.43 12.59 8.81
CA THR D 195 0.92 11.24 8.51
C THR D 195 -0.60 11.23 8.40
N GLY D 196 -1.27 11.98 9.28
CA GLY D 196 -2.71 11.98 9.38
C GLY D 196 -3.38 12.59 8.16
N ARG D 197 -2.82 13.70 7.67
CA ARG D 197 -3.33 14.36 6.48
C ARG D 197 -3.12 13.46 5.26
N PHE D 198 -1.94 12.87 5.12
CA PHE D 198 -1.73 11.88 4.07
C PHE D 198 -2.73 10.71 4.13
N LEU D 199 -2.86 10.07 5.29
CA LEU D 199 -3.75 8.91 5.38
C LEU D 199 -5.21 9.33 5.12
N ARG D 200 -5.63 10.46 5.65
CA ARG D 200 -7.01 10.92 5.46
C ARG D 200 -7.31 11.21 4.00
N GLU D 201 -6.31 11.68 3.27
CA GLU D 201 -6.47 11.95 1.84
C GLU D 201 -6.65 10.67 1.06
N HIS D 202 -6.13 9.55 1.55
CA HIS D 202 -6.13 8.30 0.79
C HIS D 202 -6.97 7.15 1.38
N VAL D 203 -7.43 7.27 2.62
CA VAL D 203 -8.20 6.20 3.24
C VAL D 203 -9.43 6.74 3.90
N ALA D 204 -10.58 6.39 3.33
CA ALA D 204 -11.89 6.67 3.90
C ALA D 204 -12.02 6.22 5.36
N ASN D 205 -12.53 7.14 6.17
CA ASN D 205 -12.86 6.86 7.56
C ASN D 205 -11.69 6.49 8.48
N VAL D 206 -10.45 6.78 8.07
CA VAL D 206 -9.28 6.45 8.86
C VAL D 206 -9.29 7.29 10.15
N LYS D 207 -8.95 6.67 11.27
CA LYS D 207 -8.89 7.38 12.55
C LYS D 207 -7.44 7.74 12.86
N ILE D 208 -7.25 8.97 13.32
CA ILE D 208 -5.94 9.51 13.64
C ILE D 208 -5.96 9.79 15.14
N VAL D 209 -5.18 9.03 15.90
CA VAL D 209 -5.34 9.00 17.35
C VAL D 209 -4.08 9.47 18.04
N ALA D 210 -4.19 10.51 18.84
CA ALA D 210 -3.06 11.02 19.60
C ALA D 210 -2.94 10.42 20.99
N ALA D 211 -1.70 10.20 21.43
CA ALA D 211 -1.40 9.92 22.84
C ALA D 211 -0.57 11.07 23.36
N GLU D 212 -0.95 11.59 24.53
CA GLU D 212 -0.15 12.62 25.20
C GLU D 212 -0.13 12.31 26.69
N PRO D 213 0.85 12.87 27.42
CA PRO D 213 0.96 12.63 28.85
C PRO D 213 -0.17 13.24 29.69
N ARG D 214 -0.68 12.51 30.67
CA ARG D 214 -1.79 13.01 31.49
C ARG D 214 -1.36 14.18 32.37
N ALA D 221 5.67 12.44 37.41
CA ALA D 221 4.94 12.84 36.20
C ALA D 221 5.73 12.65 34.88
N LEU D 222 4.97 12.41 33.83
CA LEU D 222 5.47 12.19 32.49
C LEU D 222 5.43 13.54 31.77
N ARG D 223 6.55 13.88 31.12
CA ARG D 223 6.67 15.17 30.45
C ARG D 223 7.12 14.98 28.99
N ASN D 224 6.52 15.73 28.08
CA ASN D 224 7.06 15.80 26.72
C ASN D 224 7.18 17.20 26.12
N MET D 225 6.48 18.19 26.71
CA MET D 225 6.41 19.54 26.15
C MET D 225 6.55 20.61 27.26
N ASP D 226 7.05 21.78 26.87
CA ASP D 226 7.17 22.92 27.78
C ASP D 226 5.77 23.41 28.09
N GLU D 227 5.48 23.67 29.37
CA GLU D 227 4.09 23.89 29.79
C GLU D 227 3.50 25.18 29.16
N GLY D 228 2.21 25.14 28.87
CA GLY D 228 1.54 26.27 28.23
C GLY D 228 1.73 26.36 26.71
N PHE D 229 2.76 25.72 26.16
CA PHE D 229 3.15 25.88 24.76
C PHE D 229 2.34 25.01 23.77
N VAL D 230 1.88 25.62 22.70
CA VAL D 230 1.13 24.89 21.67
C VAL D 230 1.84 25.11 20.34
N PRO D 231 2.47 24.04 19.81
CA PRO D 231 3.24 24.16 18.55
C PRO D 231 2.42 24.76 17.44
N GLU D 232 3.04 25.63 16.65
CA GLU D 232 2.34 26.28 15.56
C GLU D 232 1.87 25.28 14.47
N LEU D 233 2.58 24.17 14.32
CA LEU D 233 2.22 23.07 13.41
C LEU D 233 0.88 22.40 13.70
N TYR D 234 0.42 22.51 14.94
CA TYR D 234 -0.72 21.77 15.41
C TYR D 234 -2.00 22.23 14.74
N ASP D 235 -2.77 21.28 14.24
CA ASP D 235 -4.07 21.52 13.66
C ASP D 235 -5.01 20.47 14.29
N PRO D 236 -5.78 20.88 15.30
CA PRO D 236 -6.58 19.92 16.06
C PRO D 236 -7.67 19.21 15.25
N GLU D 237 -8.14 19.80 14.16
CA GLU D 237 -9.06 19.12 13.24
C GLU D 237 -8.47 17.84 12.57
N ILE D 238 -7.16 17.67 12.52
CA ILE D 238 -6.62 16.44 11.94
C ILE D 238 -6.85 15.21 12.82
N LEU D 239 -6.93 15.40 14.12
CA LEU D 239 -7.08 14.29 15.05
C LEU D 239 -8.53 13.85 15.09
N THR D 240 -8.78 12.55 15.21
CA THR D 240 -10.13 12.05 15.44
C THR D 240 -10.31 11.69 16.89
N ALA D 241 -9.20 11.41 17.59
CA ALA D 241 -9.27 11.12 19.01
C ALA D 241 -7.96 11.49 19.71
N ARG D 242 -8.05 11.65 21.03
CA ARG D 242 -6.92 12.08 21.84
C ARG D 242 -7.02 11.45 23.23
N TYR D 243 -5.95 10.81 23.66
CA TYR D 243 -5.88 10.04 24.90
C TYR D 243 -4.77 10.62 25.77
N SER D 244 -5.09 10.96 27.02
CA SER D 244 -4.11 11.25 28.04
C SER D 244 -3.72 9.95 28.70
N VAL D 245 -2.42 9.70 28.81
CA VAL D 245 -1.96 8.48 29.45
C VAL D 245 -1.10 8.86 30.65
N GLY D 246 -1.38 8.26 31.81
CA GLY D 246 -0.53 8.47 32.99
C GLY D 246 0.84 7.79 32.90
N ALA D 247 1.77 8.24 33.73
CA ALA D 247 3.12 7.73 33.77
C ALA D 247 3.20 6.22 34.09
N VAL D 248 2.41 5.77 35.07
CA VAL D 248 2.43 4.38 35.48
C VAL D 248 2.01 3.47 34.33
N ASP D 249 0.89 3.80 33.72
CA ASP D 249 0.40 3.04 32.58
C ASP D 249 1.38 3.03 31.42
N ALA D 250 2.01 4.16 31.14
CA ALA D 250 2.99 4.23 30.05
C ALA D 250 4.16 3.30 30.33
N VAL D 251 4.67 3.34 31.56
CA VAL D 251 5.76 2.45 31.98
C VAL D 251 5.33 0.98 31.92
N ARG D 252 4.15 0.65 32.43
CA ARG D 252 3.72 -0.75 32.39
C ARG D 252 3.62 -1.26 30.94
N ARG D 253 3.07 -0.43 30.06
CA ARG D 253 2.90 -0.83 28.64
C ARG D 253 4.24 -1.00 27.94
N THR D 254 5.21 -0.15 28.24
CA THR D 254 6.54 -0.27 27.67
C THR D 254 7.17 -1.59 28.06
N ARG D 255 7.05 -1.94 29.35
CA ARG D 255 7.57 -3.19 29.88
C ARG D 255 6.84 -4.36 29.29
N GLU D 256 5.54 -4.21 29.16
CA GLU D 256 4.73 -5.25 28.52
C GLU D 256 5.11 -5.45 27.03
N LEU D 257 5.39 -4.38 26.30
CA LEU D 257 5.73 -4.52 24.88
C LEU D 257 6.99 -5.38 24.76
N VAL D 258 8.03 -5.07 25.53
CA VAL D 258 9.27 -5.83 25.44
C VAL D 258 9.10 -7.29 25.94
N HIS D 259 8.30 -7.52 26.99
CA HIS D 259 8.09 -8.88 27.51
C HIS D 259 7.34 -9.79 26.56
N THR D 260 6.39 -9.22 25.82
CA THR D 260 5.48 -10.04 25.02
C THR D 260 5.84 -10.07 23.52
N GLU D 261 6.41 -8.99 23.01
CA GLU D 261 6.75 -8.88 21.59
C GLU D 261 8.23 -8.64 21.32
N GLY D 262 9.03 -8.37 22.35
CA GLY D 262 10.48 -8.33 22.22
C GLY D 262 11.02 -6.99 21.79
N ILE D 263 10.13 -6.05 21.56
CA ILE D 263 10.49 -4.72 21.11
C ILE D 263 10.87 -3.88 22.33
N PHE D 264 12.12 -3.43 22.35
CA PHE D 264 12.70 -2.58 23.38
C PHE D 264 12.52 -1.10 23.03
N ALA D 265 11.45 -0.51 23.54
CA ALA D 265 11.00 0.82 23.14
C ALA D 265 11.18 1.87 24.24
N GLY D 266 11.23 3.13 23.83
CA GLY D 266 11.20 4.25 24.74
C GLY D 266 9.84 4.38 25.38
N ILE D 267 9.73 5.30 26.33
CA ILE D 267 8.51 5.42 27.14
C ILE D 267 7.29 5.94 26.34
N SER D 268 7.50 6.87 25.41
CA SER D 268 6.38 7.34 24.57
C SER D 268 5.65 6.17 23.90
N THR D 269 6.38 5.11 23.53
CA THR D 269 5.76 3.95 22.90
C THR D 269 4.77 3.20 23.82
N GLY D 270 5.04 3.17 25.11
CA GLY D 270 4.12 2.54 26.04
C GLY D 270 2.81 3.30 26.11
N ALA D 271 2.90 4.63 26.08
CA ALA D 271 1.69 5.47 26.12
C ALA D 271 0.94 5.29 24.82
N VAL D 272 1.68 5.28 23.71
CA VAL D 272 1.08 5.01 22.41
C VAL D 272 0.40 3.64 22.40
N LEU D 273 1.10 2.62 22.92
CA LEU D 273 0.50 1.29 23.05
C LEU D 273 -0.76 1.26 23.95
N HIS D 274 -0.69 1.98 25.07
CA HIS D 274 -1.87 2.09 25.94
C HIS D 274 -3.05 2.62 25.17
N ALA D 275 -2.84 3.73 24.48
CA ALA D 275 -3.93 4.30 23.64
C ALA D 275 -4.37 3.29 22.58
N ALA D 276 -3.41 2.67 21.90
CA ALA D 276 -3.76 1.73 20.82
C ALA D 276 -4.56 0.53 21.34
N LEU D 277 -4.27 0.07 22.56
CA LEU D 277 -5.02 -1.07 23.14
C LEU D 277 -6.45 -0.67 23.53
N GLY D 278 -6.63 0.56 23.99
CA GLY D 278 -7.97 1.07 24.25
C GLY D 278 -8.79 1.12 22.97
N VAL D 279 -8.21 1.66 21.90
CA VAL D 279 -8.87 1.64 20.61
C VAL D 279 -9.20 0.21 20.16
N GLY D 280 -8.26 -0.70 20.36
CA GLY D 280 -8.48 -2.08 19.98
C GLY D 280 -9.59 -2.79 20.76
N ALA D 281 -9.62 -2.58 22.07
CA ALA D 281 -10.64 -3.19 22.93
C ALA D 281 -12.02 -2.67 22.53
N GLY D 282 -12.11 -1.38 22.23
CA GLY D 282 -13.34 -0.80 21.71
C GLY D 282 -13.78 -1.48 20.43
N ALA D 283 -12.86 -1.66 19.48
CA ALA D 283 -13.23 -2.34 18.23
C ALA D 283 -13.61 -3.80 18.47
N LEU D 284 -12.90 -4.44 19.39
CA LEU D 284 -13.20 -5.82 19.75
C LEU D 284 -14.63 -5.94 20.31
N ALA D 285 -14.97 -5.08 21.26
CA ALA D 285 -16.29 -5.06 21.87
C ALA D 285 -17.39 -4.80 20.85
N ALA D 286 -17.14 -3.89 19.91
CA ALA D 286 -18.14 -3.49 18.91
C ALA D 286 -18.24 -4.46 17.72
N GLY D 287 -17.46 -5.55 17.75
CA GLY D 287 -17.44 -6.48 16.64
C GLY D 287 -16.89 -5.88 15.36
N GLU D 288 -15.99 -4.91 15.47
CA GLU D 288 -15.44 -4.24 14.28
C GLU D 288 -14.02 -4.69 13.99
N ARG D 289 -13.76 -4.91 12.71
CA ARG D 289 -12.44 -5.27 12.26
C ARG D 289 -11.54 -4.02 12.30
N ALA D 290 -10.31 -4.20 12.80
CA ALA D 290 -9.40 -3.08 12.88
C ALA D 290 -7.99 -3.49 12.57
N ASP D 291 -7.25 -2.54 12.01
CA ASP D 291 -5.83 -2.70 11.70
C ASP D 291 -5.17 -1.43 12.10
N ILE D 292 -4.56 -1.49 13.28
CA ILE D 292 -4.16 -0.30 14.00
C ILE D 292 -2.66 -0.17 13.97
N ALA D 293 -2.18 0.87 13.29
CA ALA D 293 -0.74 1.12 13.22
C ALA D 293 -0.27 2.08 14.31
N LEU D 294 0.85 1.75 14.94
CA LEU D 294 1.35 2.58 16.02
C LEU D 294 2.83 2.80 15.90
N VAL D 295 3.27 3.99 16.30
CA VAL D 295 4.64 4.42 16.12
C VAL D 295 5.47 4.04 17.34
N VAL D 296 6.61 3.38 17.09
CA VAL D 296 7.64 3.14 18.08
C VAL D 296 8.71 4.20 17.81
N ALA D 297 8.61 5.34 18.49
CA ALA D 297 9.36 6.53 18.09
C ALA D 297 10.84 6.49 18.46
N ASP D 298 11.18 5.77 19.50
CA ASP D 298 12.58 5.53 19.83
C ASP D 298 12.73 4.29 20.69
N ALA D 299 13.98 3.88 20.92
CA ALA D 299 14.25 2.65 21.64
C ALA D 299 14.38 2.94 23.14
N GLY D 300 14.53 1.89 23.94
CA GLY D 300 14.69 2.06 25.39
C GLY D 300 16.04 2.56 25.88
N TRP D 301 17.03 2.63 24.99
CA TRP D 301 18.41 2.92 25.34
C TRP D 301 18.61 4.19 26.15
N LYS D 302 17.88 5.26 25.82
CA LYS D 302 18.09 6.57 26.46
C LYS D 302 17.34 6.74 27.78
N TYR D 303 16.60 5.71 28.19
CA TYR D 303 15.80 5.74 29.40
C TYR D 303 16.22 4.68 30.44
N LEU D 304 17.30 3.93 30.18
CA LEU D 304 17.75 2.92 31.14
C LEU D 304 18.05 3.55 32.49
N SER D 305 18.64 4.74 32.47
CA SER D 305 18.94 5.49 33.70
C SER D 305 17.75 5.85 34.58
N THR D 306 16.52 5.73 34.05
CA THR D 306 15.32 6.13 34.79
C THR D 306 14.89 5.08 35.78
N GLY D 307 15.35 3.85 35.59
CA GLY D 307 14.88 2.73 36.42
C GLY D 307 13.59 2.09 35.94
N ALA D 308 12.97 2.68 34.92
CA ALA D 308 11.72 2.14 34.39
C ALA D 308 11.87 0.74 33.78
N TYR D 309 13.09 0.35 33.39
CA TYR D 309 13.32 -0.97 32.77
C TYR D 309 14.04 -1.96 33.72
N ALA D 310 14.02 -1.70 35.02
CA ALA D 310 14.63 -2.58 36.02
C ALA D 310 14.03 -3.99 35.97
N GLY D 311 14.82 -4.96 36.41
CA GLY D 311 14.44 -6.38 36.31
C GLY D 311 13.05 -6.67 36.81
N SER D 312 12.70 -6.12 37.98
CA SER D 312 11.30 -6.09 38.41
C SER D 312 10.95 -4.70 38.96
N LEU D 313 9.72 -4.24 38.71
CA LEU D 313 9.14 -3.08 39.40
C LEU D 313 7.66 -2.95 39.08
N LEU D 320 10.03 4.03 39.83
CA LEU D 320 10.01 4.98 40.93
C LEU D 320 10.98 6.13 40.63
N GLU D 321 10.42 7.33 40.40
CA GLU D 321 11.19 8.52 39.96
C GLU D 321 10.49 9.81 40.40
N GLY D 322 10.98 10.96 39.93
CA GLY D 322 10.30 12.26 40.13
C GLY D 322 10.42 13.18 38.92
N GLN D 323 9.52 13.00 37.94
CA GLN D 323 9.57 13.69 36.64
C GLN D 323 10.38 12.90 35.57
N LEU D 324 9.75 12.66 34.42
CA LEU D 324 10.30 11.77 33.38
C LEU D 324 9.98 12.30 31.98
N TRP D 325 11.04 12.78 31.30
CA TRP D 325 10.92 13.33 29.95
C TRP D 325 11.06 12.22 28.88
N ALA D 326 10.08 12.14 28.00
CA ALA D 326 10.05 11.09 27.00
C ALA D 326 9.62 11.63 25.63
#